data_9C93
#
_entry.id   9C93
#
_cell.length_a   56.559
_cell.length_b   87.291
_cell.length_c   194.974
_cell.angle_alpha   90.000
_cell.angle_beta   90.000
_cell.angle_gamma   90.000
#
_symmetry.space_group_name_H-M   'P 21 21 21'
#
loop_
_entity.id
_entity.type
_entity.pdbx_description
1 polymer Menin
2 non-polymer (1R,5R)-2-({5-fluoro-2-[(5-{7-[(1-methylcyclopropyl)methyl]-2,7-diazaspiro[3.5]nonan-2-yl}-1,2,4-triazin-6-yl)oxy]phenyl}methyl)-2-azabicyclo[3.1.0]hexan-3-one
3 non-polymer 'POTASSIUM ION'
4 non-polymer '4-(2-HYDROXYETHYL)-1-PIPERAZINE ETHANESULFONIC ACID'
5 non-polymer 'SULFATE ION'
6 water water
#
_entity_poly.entity_id   1
_entity_poly.type   'polypeptide(L)'
_entity_poly.pdbx_seq_one_letter_code
;MHHHHHHSSGRENLYFQGSGLKTAQKTLFPLRSIDDVVRLFAAELGREEPDLVLLSLVLGFVEHFLAVNRVIPTNVPELT
FQPSPAPDPPGGLTYFPVADLSIIAALYARFTAQIRGAVDLSLYPREGGVSSRELVKKVSDVIWNSLSRSYFKDRAHIQS
LFSFITGTKLDSSGVAFAVVGACQALGLRDVHLALSEDHAWVVFGPNGEQTAEVTWHGKGNEDRRGQTVNAGVAERSWLY
LKGSYMRCDRKMEVAFMVCAINPSIDLHTDSLELLQLQQKLLWLLYDLGHLERYPMALGNLADLEELEPTPGRPDPLTLY
HKGIASAKTYYRDEHIYPYMYLAGYHCRNRNVREALQAWADTATVIQDYNYCREDEEIYKEFFEVANDVIPNLLKEAASL
LEAGEERPGEQSQGTQSQGSALQDPECFAHLLRFYDGICKWEEGSPTPVLHVGWATFLVQSLGRFEGQVRQKVRITFQSE
KMKGMKELLVATKINSSAIKLQLTAQS
;
_entity_poly.pdbx_strand_id   A,B
#
# COMPACT_ATOMS: atom_id res chain seq x y z
N GLY A 20 29.70 -36.07 -13.31
CA GLY A 20 30.12 -36.51 -12.00
C GLY A 20 30.77 -35.42 -11.16
N LEU A 21 30.63 -35.53 -9.84
CA LEU A 21 31.16 -34.55 -8.90
C LEU A 21 32.60 -34.89 -8.52
N LYS A 22 33.46 -33.88 -8.52
CA LYS A 22 34.82 -34.03 -7.99
C LYS A 22 34.77 -34.59 -6.58
N THR A 23 35.83 -35.30 -6.19
CA THR A 23 35.86 -35.89 -4.85
C THR A 23 36.03 -34.82 -3.78
N ALA A 24 36.67 -33.70 -4.11
CA ALA A 24 36.77 -32.60 -3.17
C ALA A 24 35.39 -32.03 -2.84
N GLN A 25 34.48 -32.05 -3.82
CA GLN A 25 33.11 -31.58 -3.57
C GLN A 25 32.35 -32.57 -2.70
N LYS A 26 32.47 -33.87 -3.01
CA LYS A 26 31.70 -34.86 -2.28
C LYS A 26 32.12 -34.97 -0.82
N THR A 27 33.40 -34.73 -0.52
CA THR A 27 33.87 -34.84 0.86
C THR A 27 33.18 -33.86 1.79
N LEU A 28 32.55 -32.82 1.26
CA LEU A 28 31.90 -31.81 2.09
C LEU A 28 30.50 -32.20 2.55
N PHE A 29 29.92 -33.26 1.98
CA PHE A 29 28.59 -33.73 2.32
C PHE A 29 28.66 -34.74 3.47
N PRO A 30 27.55 -34.96 4.19
CA PRO A 30 26.23 -34.32 4.06
C PRO A 30 26.24 -32.91 4.63
N LEU A 31 25.42 -32.02 4.09
CA LEU A 31 25.25 -30.69 4.65
C LEU A 31 24.19 -30.75 5.74
N ARG A 32 24.58 -30.47 6.97
CA ARG A 32 23.66 -30.55 8.10
C ARG A 32 23.37 -29.20 8.73
N SER A 33 23.95 -28.12 8.20
CA SER A 33 23.75 -26.82 8.81
C SER A 33 23.97 -25.75 7.75
N ILE A 34 23.57 -24.53 8.10
CA ILE A 34 23.92 -23.36 7.29
C ILE A 34 25.44 -23.28 7.09
N ASP A 35 26.21 -23.48 8.17
CA ASP A 35 27.67 -23.37 8.06
C ASP A 35 28.22 -24.37 7.07
N ASP A 36 27.70 -25.60 7.06
CA ASP A 36 28.07 -26.57 6.04
C ASP A 36 27.85 -26.02 4.65
N VAL A 37 26.71 -25.37 4.42
CA VAL A 37 26.44 -24.79 3.12
C VAL A 37 27.46 -23.71 2.80
N VAL A 38 27.73 -22.84 3.78
CA VAL A 38 28.70 -21.77 3.57
C VAL A 38 30.06 -22.34 3.19
N ARG A 39 30.49 -23.44 3.83
CA ARG A 39 31.78 -24.01 3.46
C ARG A 39 31.75 -24.55 2.04
N LEU A 40 30.64 -25.19 1.63
CA LEU A 40 30.57 -25.63 0.25
C LEU A 40 30.70 -24.44 -0.70
N PHE A 41 30.04 -23.34 -0.38
CA PHE A 41 30.16 -22.14 -1.22
C PHE A 41 31.57 -21.58 -1.17
N ALA A 42 32.19 -21.53 0.02
CA ALA A 42 33.57 -21.06 0.11
C ALA A 42 34.50 -21.92 -0.73
N ALA A 43 34.33 -23.24 -0.69
CA ALA A 43 35.20 -24.11 -1.46
C ALA A 43 35.03 -23.87 -2.95
N GLU A 44 33.78 -23.79 -3.42
CA GLU A 44 33.53 -23.59 -4.84
C GLU A 44 34.08 -22.25 -5.32
N LEU A 45 33.91 -21.20 -4.53
CA LEU A 45 34.36 -19.86 -4.95
C LEU A 45 35.88 -19.74 -5.00
N GLY A 46 36.59 -20.68 -4.39
CA GLY A 46 38.03 -20.72 -4.53
C GLY A 46 38.52 -21.31 -5.84
N ARG A 47 37.63 -21.81 -6.69
CA ARG A 47 38.01 -22.37 -7.97
C ARG A 47 37.68 -21.40 -9.10
N GLU A 48 38.29 -21.65 -10.25
CA GLU A 48 38.07 -20.77 -11.40
C GLU A 48 36.67 -20.93 -11.97
N GLU A 49 36.05 -22.10 -11.78
CA GLU A 49 34.69 -22.35 -12.23
C GLU A 49 33.88 -22.92 -11.07
N PRO A 50 33.35 -22.07 -10.20
CA PRO A 50 32.41 -22.55 -9.19
C PRO A 50 31.23 -23.24 -9.87
N ASP A 51 30.85 -24.39 -9.35
CA ASP A 51 29.85 -25.24 -10.01
C ASP A 51 28.47 -24.64 -9.79
N LEU A 52 28.00 -23.86 -10.77
CA LEU A 52 26.70 -23.21 -10.66
C LEU A 52 25.58 -24.20 -10.46
N VAL A 53 25.63 -25.34 -11.15
CA VAL A 53 24.56 -26.32 -11.05
C VAL A 53 24.54 -26.95 -9.67
N LEU A 54 25.71 -27.35 -9.16
CA LEU A 54 25.79 -27.92 -7.83
C LEU A 54 25.27 -26.95 -6.77
N LEU A 55 25.72 -25.69 -6.84
CA LEU A 55 25.36 -24.74 -5.79
C LEU A 55 23.89 -24.37 -5.85
N SER A 56 23.36 -24.16 -7.06
CA SER A 56 21.94 -23.82 -7.20
C SER A 56 21.04 -24.96 -6.76
N LEU A 57 21.44 -26.20 -7.04
CA LEU A 57 20.65 -27.35 -6.57
C LEU A 57 20.63 -27.43 -5.05
N VAL A 58 21.76 -27.15 -4.39
CA VAL A 58 21.79 -27.18 -2.93
C VAL A 58 20.87 -26.11 -2.36
N LEU A 59 20.97 -24.87 -2.86
CA LEU A 59 20.10 -23.81 -2.35
C LEU A 59 18.63 -24.14 -2.61
N GLY A 60 18.31 -24.66 -3.80
CA GLY A 60 16.92 -25.00 -4.10
C GLY A 60 16.40 -26.12 -3.23
N PHE A 61 17.26 -27.11 -2.91
CA PHE A 61 16.85 -28.19 -2.01
C PHE A 61 16.56 -27.65 -0.63
N VAL A 62 17.48 -26.86 -0.09
CA VAL A 62 17.32 -26.28 1.23
C VAL A 62 16.09 -25.38 1.26
N GLU A 63 15.90 -24.56 0.22
CA GLU A 63 14.74 -23.70 0.19
C GLU A 63 13.44 -24.49 0.10
N HIS A 64 13.43 -25.57 -0.69
CA HIS A 64 12.21 -26.35 -0.83
C HIS A 64 11.71 -26.85 0.52
N PHE A 65 12.61 -27.39 1.33
CA PHE A 65 12.21 -27.97 2.60
C PHE A 65 12.20 -26.96 3.75
N LEU A 66 12.62 -25.71 3.50
CA LEU A 66 12.44 -24.64 4.47
C LEU A 66 11.32 -23.67 4.11
N ALA A 67 10.92 -23.58 2.83
CA ALA A 67 9.89 -22.60 2.47
C ALA A 67 8.75 -23.19 1.66
N VAL A 68 9.01 -24.16 0.77
CA VAL A 68 7.94 -24.73 -0.04
C VAL A 68 7.13 -25.71 0.77
N ASN A 69 7.79 -26.69 1.38
CA ASN A 69 7.14 -27.65 2.27
C ASN A 69 7.73 -27.33 3.65
N ARG A 70 7.06 -26.45 4.39
CA ARG A 70 7.52 -26.11 5.73
C ARG A 70 7.16 -27.26 6.67
N VAL A 71 8.17 -27.96 7.15
CA VAL A 71 7.93 -29.18 7.93
C VAL A 71 7.37 -28.85 9.31
N ILE A 72 7.90 -27.81 9.94
CA ILE A 72 7.44 -27.36 11.25
C ILE A 72 6.92 -25.93 11.12
N PRO A 73 5.68 -25.67 11.55
CA PRO A 73 5.16 -24.30 11.47
C PRO A 73 5.97 -23.34 12.35
N THR A 74 5.79 -22.06 12.09
CA THR A 74 6.59 -21.04 12.76
C THR A 74 5.86 -20.43 13.95
N PRO A 77 4.13 -20.25 20.80
CA PRO A 77 3.03 -20.36 21.77
C PRO A 77 2.84 -19.08 22.58
N GLU A 78 1.64 -18.90 23.12
CA GLU A 78 1.33 -17.71 23.93
C GLU A 78 2.27 -17.61 25.13
N PHE A 81 4.18 -18.77 31.82
CA PHE A 81 5.19 -19.32 32.71
C PHE A 81 4.56 -20.28 33.72
N GLN A 82 5.39 -21.17 34.27
CA GLN A 82 4.96 -22.20 35.20
C GLN A 82 6.21 -22.82 35.83
N PRO A 83 6.07 -23.57 36.93
CA PRO A 83 7.28 -24.13 37.58
C PRO A 83 8.03 -25.14 36.72
N SER A 84 7.32 -25.96 35.94
CA SER A 84 7.91 -27.00 35.09
C SER A 84 8.33 -26.41 33.75
N PRO A 85 9.00 -27.19 32.89
CA PRO A 85 9.26 -26.70 31.54
C PRO A 85 7.99 -26.68 30.70
N ALA A 86 7.98 -25.81 29.68
CA ALA A 86 6.83 -25.72 28.81
C ALA A 86 6.67 -27.00 28.00
N PRO A 87 5.42 -27.38 27.67
CA PRO A 87 5.23 -28.63 26.91
C PRO A 87 5.82 -28.58 25.52
N ASP A 88 5.86 -27.41 24.91
CA ASP A 88 6.41 -27.21 23.58
C ASP A 88 7.46 -26.11 23.64
N PRO A 89 8.45 -26.14 22.76
CA PRO A 89 9.48 -25.08 22.76
C PRO A 89 8.86 -23.70 22.77
N PRO A 90 9.06 -22.94 23.85
CA PRO A 90 8.28 -21.71 24.03
C PRO A 90 8.61 -20.63 23.02
N GLY A 91 9.75 -20.72 22.33
CA GLY A 91 10.10 -19.78 21.29
C GLY A 91 10.02 -20.35 19.89
N GLY A 92 9.37 -21.49 19.71
CA GLY A 92 9.36 -22.12 18.41
C GLY A 92 10.70 -22.79 18.12
N LEU A 93 10.83 -23.21 16.86
CA LEU A 93 11.96 -23.99 16.39
C LEU A 93 12.45 -23.43 15.07
N THR A 94 13.76 -23.43 14.89
CA THR A 94 14.37 -23.35 13.57
C THR A 94 14.90 -24.73 13.21
N TYR A 95 15.04 -25.00 11.92
CA TYR A 95 15.50 -26.33 11.54
C TYR A 95 16.32 -26.23 10.27
N PHE A 96 16.91 -27.37 9.90
CA PHE A 96 17.69 -27.48 8.69
C PHE A 96 17.39 -28.85 8.09
N PRO A 97 17.09 -28.91 6.79
CA PRO A 97 16.90 -30.22 6.15
C PRO A 97 18.22 -30.80 5.67
N VAL A 98 18.60 -31.99 6.17
CA VAL A 98 19.91 -32.55 5.83
C VAL A 98 19.98 -32.79 4.33
N ALA A 99 21.07 -32.36 3.71
CA ALA A 99 21.30 -32.55 2.27
C ALA A 99 22.33 -33.66 2.11
N ASP A 100 21.86 -34.88 1.84
CA ASP A 100 22.74 -36.01 1.62
C ASP A 100 23.41 -35.92 0.26
N LEU A 101 24.63 -36.46 0.17
CA LEU A 101 25.29 -36.56 -1.12
C LEU A 101 24.46 -37.38 -2.09
N SER A 102 23.84 -38.47 -1.62
CA SER A 102 23.06 -39.33 -2.50
C SER A 102 21.94 -38.54 -3.17
N ILE A 103 21.24 -37.69 -2.41
CA ILE A 103 20.13 -36.95 -2.97
C ILE A 103 20.61 -35.90 -3.97
N ILE A 104 21.62 -35.12 -3.57
CA ILE A 104 22.09 -34.01 -4.41
C ILE A 104 22.79 -34.53 -5.66
N ALA A 105 23.64 -35.55 -5.51
CA ALA A 105 24.33 -36.11 -6.66
C ALA A 105 23.36 -36.71 -7.67
N ALA A 106 22.28 -37.32 -7.18
CA ALA A 106 21.31 -37.91 -8.09
C ALA A 106 20.65 -36.84 -8.95
N LEU A 107 20.23 -35.73 -8.33
CA LEU A 107 19.66 -34.63 -9.07
C LEU A 107 20.69 -34.00 -10.00
N TYR A 108 21.92 -33.83 -9.51
CA TYR A 108 22.99 -33.29 -10.34
C TYR A 108 23.21 -34.16 -11.58
N ALA A 109 23.22 -35.49 -11.39
CA ALA A 109 23.38 -36.39 -12.52
C ALA A 109 22.21 -36.29 -13.49
N ARG A 110 21.00 -36.11 -12.96
CA ARG A 110 19.83 -35.92 -13.81
C ARG A 110 20.00 -34.72 -14.73
N PHE A 111 20.41 -33.57 -14.18
CA PHE A 111 20.60 -32.37 -15.01
C PHE A 111 21.70 -32.59 -16.05
N THR A 112 22.83 -33.16 -15.63
CA THR A 112 23.95 -33.29 -16.56
C THR A 112 23.62 -34.29 -17.67
N ALA A 113 23.06 -35.45 -17.33
CA ALA A 113 22.63 -36.38 -18.37
C ALA A 113 21.70 -35.70 -19.36
N GLN A 114 20.78 -34.86 -18.86
CA GLN A 114 19.86 -34.15 -19.75
C GLN A 114 20.59 -33.18 -20.66
N ILE A 115 21.44 -32.32 -20.10
CA ILE A 115 22.10 -31.31 -20.93
C ILE A 115 23.14 -31.94 -21.83
N ARG A 116 23.97 -32.82 -21.29
CA ARG A 116 25.04 -33.42 -22.08
C ARG A 116 24.49 -34.23 -23.25
N GLY A 117 23.28 -34.79 -23.10
CA GLY A 117 22.72 -35.60 -24.17
C GLY A 117 22.11 -34.80 -25.30
N ALA A 118 21.56 -33.63 -25.00
CA ALA A 118 20.78 -32.87 -25.98
C ALA A 118 21.61 -31.96 -26.87
N VAL A 119 22.91 -31.85 -26.64
CA VAL A 119 23.80 -31.05 -27.47
C VAL A 119 25.05 -31.86 -27.75
N ASP A 120 25.49 -31.87 -29.01
CA ASP A 120 26.74 -32.52 -29.40
C ASP A 120 27.77 -31.43 -29.70
N LEU A 121 28.88 -31.48 -28.99
CA LEU A 121 29.88 -30.41 -29.06
C LEU A 121 30.85 -30.63 -30.21
N GLY A 129 38.02 -20.17 -28.09
CA GLY A 129 37.12 -20.52 -26.99
C GLY A 129 35.87 -19.68 -27.02
N VAL A 130 35.26 -19.57 -28.20
CA VAL A 130 34.15 -18.67 -28.45
C VAL A 130 32.95 -19.49 -28.90
N SER A 131 31.83 -19.32 -28.23
CA SER A 131 30.60 -20.00 -28.59
C SER A 131 29.87 -19.20 -29.66
N SER A 132 29.25 -19.90 -30.61
CA SER A 132 28.52 -19.23 -31.67
C SER A 132 27.08 -18.95 -31.24
N ARG A 133 26.44 -18.05 -31.99
CA ARG A 133 25.03 -17.76 -31.74
C ARG A 133 24.17 -19.01 -31.91
N GLU A 134 24.46 -19.82 -32.92
CA GLU A 134 23.72 -21.05 -33.16
C GLU A 134 23.79 -21.98 -31.95
N LEU A 135 24.98 -22.11 -31.35
CA LEU A 135 25.14 -22.98 -30.20
C LEU A 135 24.40 -22.44 -28.97
N VAL A 136 24.51 -21.14 -28.71
CA VAL A 136 23.86 -20.56 -27.54
C VAL A 136 22.36 -20.71 -27.65
N LYS A 137 21.80 -20.47 -28.84
CA LYS A 137 20.38 -20.70 -29.05
C LYS A 137 20.00 -22.15 -28.81
N LYS A 138 20.89 -23.09 -29.18
CA LYS A 138 20.61 -24.51 -28.99
C LYS A 138 20.47 -24.86 -27.52
N VAL A 139 21.42 -24.41 -26.70
CA VAL A 139 21.36 -24.68 -25.26
C VAL A 139 20.15 -23.98 -24.64
N SER A 140 19.91 -22.73 -25.04
CA SER A 140 18.73 -22.01 -24.57
C SER A 140 17.45 -22.78 -24.90
N ASP A 141 17.36 -23.31 -26.12
CA ASP A 141 16.19 -24.07 -26.53
C ASP A 141 16.00 -25.33 -25.70
N VAL A 142 17.10 -25.97 -25.29
CA VAL A 142 17.00 -27.17 -24.46
C VAL A 142 16.30 -26.85 -23.16
N ILE A 143 16.72 -25.78 -22.49
CA ILE A 143 16.07 -25.33 -21.27
C ILE A 143 14.61 -24.99 -21.55
N TRP A 144 14.39 -24.07 -22.50
CA TRP A 144 13.05 -23.58 -22.83
C TRP A 144 12.08 -24.72 -23.08
N ASN A 145 12.47 -25.68 -23.91
CA ASN A 145 11.53 -26.73 -24.29
C ASN A 145 11.37 -27.80 -23.23
N SER A 146 12.18 -27.78 -22.17
CA SER A 146 11.98 -28.71 -21.06
C SER A 146 10.91 -28.23 -20.08
N LEU A 147 10.57 -26.95 -20.12
CA LEU A 147 9.70 -26.34 -19.12
C LEU A 147 8.25 -26.76 -19.33
N SER A 148 7.52 -26.82 -18.21
CA SER A 148 6.08 -27.05 -18.28
C SER A 148 5.43 -25.99 -19.15
N ARG A 149 4.37 -26.39 -19.87
CA ARG A 149 3.72 -25.49 -20.81
C ARG A 149 2.84 -24.46 -20.11
N SER A 150 2.36 -24.78 -18.91
CA SER A 150 1.40 -23.92 -18.22
C SER A 150 1.71 -23.91 -16.74
N TYR A 151 2.26 -22.80 -16.25
CA TYR A 151 2.41 -22.58 -14.82
C TYR A 151 2.45 -21.08 -14.59
N PHE A 152 2.32 -20.69 -13.33
CA PHE A 152 2.31 -19.28 -12.99
C PHE A 152 3.75 -18.81 -12.88
N LYS A 153 4.17 -17.98 -13.83
CA LYS A 153 5.57 -17.63 -13.96
C LYS A 153 6.07 -16.77 -12.81
N ASP A 154 5.18 -16.18 -12.02
CA ASP A 154 5.58 -15.29 -10.94
C ASP A 154 5.53 -15.96 -9.56
N ARG A 155 5.41 -17.28 -9.48
CA ARG A 155 5.41 -17.93 -8.18
C ARG A 155 6.79 -17.86 -7.54
N ALA A 156 6.78 -17.95 -6.21
CA ALA A 156 8.01 -18.04 -5.44
C ALA A 156 8.60 -19.44 -5.55
N HIS A 157 9.92 -19.52 -5.36
CA HIS A 157 10.64 -20.79 -5.19
C HIS A 157 10.70 -21.61 -6.46
N ILE A 158 10.64 -20.95 -7.63
CA ILE A 158 10.90 -21.64 -8.89
C ILE A 158 12.06 -20.95 -9.59
N GLN A 159 13.07 -20.55 -8.83
CA GLN A 159 14.24 -19.85 -9.37
C GLN A 159 15.43 -20.75 -9.63
N SER A 160 15.49 -21.92 -8.99
CA SER A 160 16.72 -22.70 -8.89
C SER A 160 16.71 -23.87 -9.86
N LEU A 161 17.89 -24.46 -10.05
CA LEU A 161 17.93 -25.70 -10.81
C LEU A 161 17.25 -26.85 -10.08
N PHE A 162 17.11 -26.78 -8.76
CA PHE A 162 16.26 -27.74 -8.07
C PHE A 162 14.83 -27.67 -8.62
N SER A 163 14.30 -26.45 -8.76
CA SER A 163 12.98 -26.30 -9.34
C SER A 163 12.94 -26.80 -10.78
N PHE A 164 13.99 -26.53 -11.56
CA PHE A 164 14.00 -26.97 -12.96
C PHE A 164 14.01 -28.50 -13.04
N ILE A 165 14.85 -29.16 -12.24
CA ILE A 165 14.97 -30.62 -12.32
C ILE A 165 13.72 -31.32 -11.80
N THR A 166 13.27 -30.93 -10.62
CA THR A 166 12.22 -31.67 -9.94
C THR A 166 10.81 -31.17 -10.25
N GLY A 167 10.68 -30.01 -10.90
CA GLY A 167 9.37 -29.46 -11.16
C GLY A 167 9.17 -28.92 -12.57
N THR A 168 10.24 -28.94 -13.37
CA THR A 168 10.23 -28.41 -14.75
C THR A 168 9.59 -27.01 -14.83
N LYS A 169 9.90 -26.15 -13.87
CA LYS A 169 9.37 -24.79 -13.82
C LYS A 169 10.49 -23.83 -13.44
N LEU A 170 10.57 -22.70 -14.14
CA LEU A 170 11.52 -21.64 -13.81
C LEU A 170 10.86 -20.28 -13.98
N ASP A 171 11.20 -19.33 -13.08
CA ASP A 171 10.76 -17.97 -13.31
C ASP A 171 11.63 -17.34 -14.39
N SER A 172 11.31 -16.10 -14.76
CA SER A 172 11.88 -15.53 -15.99
C SER A 172 13.41 -15.49 -15.92
N SER A 173 13.96 -14.86 -14.90
CA SER A 173 15.41 -14.81 -14.81
C SER A 173 16.00 -16.16 -14.46
N GLY A 174 15.22 -17.05 -13.83
CA GLY A 174 15.69 -18.39 -13.58
C GLY A 174 16.00 -19.16 -14.85
N VAL A 175 15.25 -18.92 -15.91
CA VAL A 175 15.54 -19.49 -17.22
C VAL A 175 16.93 -19.06 -17.69
N ALA A 176 17.22 -17.76 -17.60
CA ALA A 176 18.53 -17.27 -18.02
C ALA A 176 19.64 -17.90 -17.20
N PHE A 177 19.45 -17.99 -15.88
CA PHE A 177 20.47 -18.60 -15.03
C PHE A 177 20.69 -20.07 -15.39
N ALA A 178 19.59 -20.79 -15.67
CA ALA A 178 19.72 -22.20 -16.03
C ALA A 178 20.46 -22.38 -17.35
N VAL A 179 20.24 -21.48 -18.30
CA VAL A 179 20.97 -21.55 -19.57
C VAL A 179 22.46 -21.35 -19.33
N VAL A 180 22.82 -20.36 -18.51
CA VAL A 180 24.22 -20.15 -18.16
C VAL A 180 24.78 -21.38 -17.47
N GLY A 181 24.02 -21.95 -16.53
CA GLY A 181 24.48 -23.14 -15.85
C GLY A 181 24.68 -24.31 -16.80
N ALA A 182 23.76 -24.49 -17.74
CA ALA A 182 23.90 -25.54 -18.74
C ALA A 182 25.13 -25.30 -19.62
N CYS A 183 25.40 -24.04 -19.97
CA CYS A 183 26.57 -23.73 -20.79
C CYS A 183 27.86 -24.04 -20.03
N GLN A 184 27.91 -23.74 -18.74
CA GLN A 184 29.07 -24.13 -17.95
C GLN A 184 29.24 -25.64 -17.95
N ALA A 185 28.14 -26.38 -17.75
CA ALA A 185 28.20 -27.84 -17.74
C ALA A 185 28.65 -28.41 -19.08
N LEU A 186 28.48 -27.66 -20.17
CA LEU A 186 28.98 -28.07 -21.47
C LEU A 186 30.35 -27.50 -21.78
N GLY A 187 30.97 -26.78 -20.85
CA GLY A 187 32.30 -26.24 -21.07
C GLY A 187 32.34 -24.97 -21.88
N LEU A 188 31.23 -24.24 -21.96
CA LEU A 188 31.15 -23.03 -22.79
C LEU A 188 31.50 -21.85 -21.87
N ARG A 189 32.81 -21.67 -21.66
CA ARG A 189 33.26 -20.74 -20.63
C ARG A 189 33.02 -19.28 -20.98
N ASP A 190 32.65 -18.97 -22.23
CA ASP A 190 32.42 -17.59 -22.64
C ASP A 190 30.99 -17.12 -22.46
N VAL A 191 30.06 -18.01 -22.11
CA VAL A 191 28.66 -17.63 -21.94
C VAL A 191 28.42 -17.18 -20.50
N HIS A 192 27.80 -16.01 -20.36
CA HIS A 192 27.62 -15.43 -19.03
C HIS A 192 26.25 -14.81 -18.89
N LEU A 193 25.82 -14.68 -17.63
CA LEU A 193 24.56 -14.05 -17.30
C LEU A 193 24.69 -12.53 -17.45
N ALA A 194 23.71 -11.91 -18.11
CA ALA A 194 23.59 -10.46 -18.15
C ALA A 194 22.33 -10.05 -17.41
N LEU A 195 22.45 -9.02 -16.57
CA LEU A 195 21.36 -8.61 -15.68
C LEU A 195 21.16 -7.12 -15.75
N SER A 196 19.94 -6.69 -16.06
CA SER A 196 19.57 -5.31 -15.75
C SER A 196 18.96 -5.31 -14.34
N GLU A 197 18.18 -4.29 -14.01
CA GLU A 197 17.53 -4.30 -12.70
C GLU A 197 16.23 -5.09 -12.67
N ASP A 198 15.76 -5.60 -13.84
CA ASP A 198 14.54 -6.40 -13.87
C ASP A 198 14.51 -7.44 -14.99
N HIS A 199 15.55 -7.59 -15.80
CA HIS A 199 15.56 -8.56 -16.90
C HIS A 199 16.92 -9.23 -16.95
N ALA A 200 16.95 -10.40 -17.59
CA ALA A 200 18.16 -11.21 -17.67
C ALA A 200 18.28 -11.80 -19.07
N TRP A 201 19.51 -11.93 -19.53
CA TRP A 201 19.79 -12.56 -20.82
C TRP A 201 21.21 -13.11 -20.75
N VAL A 202 21.78 -13.49 -21.90
CA VAL A 202 23.15 -13.97 -21.88
C VAL A 202 24.01 -13.11 -22.79
N VAL A 203 25.28 -12.98 -22.40
CA VAL A 203 26.31 -12.40 -23.25
C VAL A 203 27.35 -13.49 -23.49
N PHE A 204 28.05 -13.38 -24.61
CA PHE A 204 29.04 -14.38 -25.02
C PHE A 204 29.93 -13.76 -26.08
N GLY A 205 30.82 -14.58 -26.64
CA GLY A 205 31.66 -14.16 -27.74
C GLY A 205 33.02 -13.68 -27.28
N PRO A 206 33.86 -13.30 -28.28
CA PRO A 206 35.22 -12.83 -28.00
C PRO A 206 35.40 -11.98 -26.75
N ASN A 207 34.66 -10.88 -26.69
CA ASN A 207 34.81 -9.91 -25.59
C ASN A 207 33.50 -9.73 -24.84
N GLY A 208 32.65 -10.76 -24.85
CA GLY A 208 31.36 -10.66 -24.20
C GLY A 208 30.43 -9.65 -24.82
N GLU A 209 30.63 -9.31 -26.08
CA GLU A 209 29.84 -8.29 -26.75
C GLU A 209 28.63 -8.84 -27.49
N GLN A 210 28.55 -10.16 -27.65
CA GLN A 210 27.40 -10.78 -28.29
C GLN A 210 26.30 -10.95 -27.25
N THR A 211 25.04 -10.78 -27.68
CA THR A 211 23.92 -10.89 -26.74
C THR A 211 22.80 -11.69 -27.36
N ALA A 212 22.10 -12.46 -26.52
CA ALA A 212 20.94 -13.21 -26.96
C ALA A 212 19.89 -13.21 -25.86
N GLU A 213 18.66 -12.90 -26.23
CA GLU A 213 17.53 -13.13 -25.33
C GLU A 213 17.29 -14.63 -25.20
N VAL A 214 17.06 -15.09 -23.97
CA VAL A 214 16.81 -16.51 -23.71
C VAL A 214 15.54 -16.74 -22.90
N THR A 215 14.87 -15.69 -22.45
CA THR A 215 13.70 -15.86 -21.60
C THR A 215 12.69 -14.78 -21.96
N TRP A 216 11.51 -14.88 -21.35
CA TRP A 216 10.50 -13.87 -21.60
C TRP A 216 10.71 -12.69 -20.65
N HIS A 217 9.93 -11.64 -20.88
CA HIS A 217 9.79 -10.62 -19.85
C HIS A 217 8.32 -10.21 -19.78
N GLY A 218 7.91 -9.74 -18.60
CA GLY A 218 6.54 -9.31 -18.40
C GLY A 218 5.63 -10.48 -18.10
N GLU A 222 4.75 -13.22 -23.88
CA GLU A 222 5.46 -13.05 -25.14
C GLU A 222 6.97 -12.91 -24.90
N ASP A 223 7.78 -13.07 -25.94
CA ASP A 223 9.22 -13.11 -25.74
C ASP A 223 9.96 -12.65 -27.00
N ARG A 224 11.17 -12.16 -26.77
CA ARG A 224 12.12 -11.78 -27.82
C ARG A 224 13.26 -12.79 -27.93
N ARG A 225 12.99 -14.06 -27.61
CA ARG A 225 14.06 -15.06 -27.56
C ARG A 225 14.76 -15.17 -28.90
N GLY A 226 16.09 -15.29 -28.85
CA GLY A 226 16.92 -15.31 -30.04
C GLY A 226 17.39 -13.96 -30.53
N GLN A 227 16.67 -12.89 -30.17
CA GLN A 227 17.08 -11.56 -30.59
C GLN A 227 18.27 -11.06 -29.76
N THR A 228 18.97 -10.06 -30.31
CA THR A 228 19.92 -9.31 -29.51
C THR A 228 19.17 -8.30 -28.63
N VAL A 229 19.89 -7.67 -27.70
CA VAL A 229 19.30 -6.62 -26.88
C VAL A 229 19.56 -5.24 -27.48
N ASN A 230 20.13 -5.19 -28.69
CA ASN A 230 20.49 -3.90 -29.30
C ASN A 230 19.32 -2.93 -29.33
N ALA A 231 18.15 -3.40 -29.77
CA ALA A 231 17.00 -2.51 -29.89
C ALA A 231 16.52 -2.03 -28.53
N GLY A 232 16.60 -2.87 -27.50
CA GLY A 232 16.23 -2.43 -26.17
C GLY A 232 17.19 -1.39 -25.61
N VAL A 233 18.49 -1.60 -25.80
CA VAL A 233 19.48 -0.58 -25.41
C VAL A 233 19.21 0.72 -26.16
N ALA A 234 18.82 0.62 -27.43
CA ALA A 234 18.64 1.81 -28.26
C ALA A 234 17.39 2.60 -27.88
N GLU A 235 16.34 1.93 -27.42
CA GLU A 235 15.11 2.64 -27.09
C GLU A 235 15.18 3.38 -25.76
N ARG A 236 16.28 3.25 -25.02
CA ARG A 236 16.52 3.98 -23.77
C ARG A 236 15.48 3.61 -22.70
N SER A 237 15.01 2.37 -22.73
CA SER A 237 14.15 1.85 -21.70
C SER A 237 14.95 1.50 -20.45
N TRP A 238 14.30 1.64 -19.29
CA TRP A 238 14.95 1.21 -18.05
C TRP A 238 15.28 -0.28 -18.09
N LEU A 239 14.50 -1.06 -18.82
CA LEU A 239 14.69 -2.51 -18.82
C LEU A 239 16.08 -2.91 -19.31
N TYR A 240 16.70 -2.12 -20.20
CA TYR A 240 18.05 -2.46 -20.66
C TYR A 240 19.10 -1.47 -20.18
N LEU A 241 18.71 -0.48 -19.38
CA LEU A 241 19.62 0.42 -18.66
C LEU A 241 20.52 1.21 -19.60
N LYS A 242 20.07 1.44 -20.84
CA LYS A 242 20.86 2.13 -21.86
C LYS A 242 22.21 1.44 -22.08
N GLY A 243 22.29 0.13 -21.84
CA GLY A 243 23.54 -0.59 -21.95
C GLY A 243 24.37 -0.68 -20.69
N SER A 244 23.99 0.01 -19.62
CA SER A 244 24.75 -0.03 -18.37
C SER A 244 24.27 -1.14 -17.45
N TYR A 245 24.19 -2.35 -18.01
CA TYR A 245 23.72 -3.52 -17.29
C TYR A 245 24.91 -4.37 -16.84
N MET A 246 24.62 -5.32 -15.94
N MET A 246 24.63 -5.28 -15.91
CA MET A 246 25.65 -6.13 -15.31
CA MET A 246 25.67 -6.11 -15.33
C MET A 246 26.04 -7.31 -16.19
C MET A 246 26.04 -7.25 -16.28
N ARG A 247 27.33 -7.42 -16.52
CA ARG A 247 27.89 -8.56 -17.24
C ARG A 247 28.62 -9.40 -16.21
N CYS A 248 27.99 -10.48 -15.75
CA CYS A 248 28.53 -11.27 -14.67
C CYS A 248 29.74 -12.09 -15.13
N ASP A 249 30.69 -12.28 -14.23
CA ASP A 249 31.59 -13.43 -14.32
C ASP A 249 30.99 -14.57 -13.48
N ARG A 250 31.71 -15.70 -13.41
CA ARG A 250 31.16 -16.84 -12.70
C ARG A 250 30.92 -16.52 -11.23
N LYS A 251 31.76 -15.67 -10.63
CA LYS A 251 31.58 -15.33 -9.23
C LYS A 251 30.34 -14.48 -9.00
N MET A 252 30.04 -13.56 -9.93
CA MET A 252 28.80 -12.82 -9.75
C MET A 252 27.58 -13.68 -10.04
N GLU A 253 27.73 -14.73 -10.86
CA GLU A 253 26.62 -15.67 -11.04
C GLU A 253 26.32 -16.43 -9.76
N VAL A 254 27.34 -16.69 -8.93
CA VAL A 254 27.08 -17.23 -7.59
C VAL A 254 26.36 -16.20 -6.74
N ALA A 255 26.82 -14.95 -6.77
CA ALA A 255 26.14 -13.90 -6.02
C ALA A 255 24.69 -13.76 -6.46
N PHE A 256 24.41 -13.96 -7.75
CA PHE A 256 23.04 -13.89 -8.24
C PHE A 256 22.16 -14.95 -7.59
N MET A 257 22.60 -16.20 -7.62
CA MET A 257 21.80 -17.28 -7.05
C MET A 257 21.60 -17.08 -5.55
N VAL A 258 22.55 -16.41 -4.89
CA VAL A 258 22.42 -16.09 -3.46
C VAL A 258 21.37 -15.01 -3.25
N CYS A 259 21.41 -13.94 -4.05
CA CYS A 259 20.33 -12.96 -4.02
C CYS A 259 18.99 -13.61 -4.36
N ALA A 260 19.01 -14.66 -5.19
CA ALA A 260 17.81 -15.34 -5.63
C ALA A 260 17.14 -16.17 -4.52
N ILE A 261 17.82 -16.40 -3.40
CA ILE A 261 17.18 -17.10 -2.30
C ILE A 261 15.90 -16.36 -1.96
N ASN A 262 14.80 -17.09 -1.82
CA ASN A 262 13.50 -16.48 -1.49
C ASN A 262 13.03 -17.04 -0.15
N PRO A 263 13.15 -16.28 0.94
CA PRO A 263 12.80 -16.80 2.27
C PRO A 263 11.31 -16.84 2.56
N SER A 264 10.45 -16.36 1.65
CA SER A 264 9.02 -16.30 1.94
C SER A 264 8.45 -17.69 2.13
N ILE A 265 7.86 -17.94 3.29
CA ILE A 265 7.01 -19.11 3.48
C ILE A 265 5.60 -18.81 3.00
N ASP A 266 5.04 -17.68 3.44
CA ASP A 266 3.80 -17.13 2.93
C ASP A 266 3.94 -15.62 2.91
N LEU A 267 2.86 -14.92 2.61
CA LEU A 267 2.94 -13.47 2.42
C LEU A 267 3.40 -12.76 3.68
N HIS A 268 3.12 -13.33 4.86
CA HIS A 268 3.42 -12.66 6.12
C HIS A 268 4.58 -13.28 6.88
N THR A 269 5.21 -14.34 6.37
CA THR A 269 6.19 -15.07 7.15
C THR A 269 7.40 -15.41 6.30
N ASP A 270 8.57 -14.97 6.77
CA ASP A 270 9.85 -15.30 6.16
C ASP A 270 10.53 -16.39 6.98
N SER A 271 11.23 -17.30 6.30
CA SER A 271 12.02 -18.29 7.01
C SER A 271 13.27 -17.63 7.59
N LEU A 272 13.39 -17.67 8.92
CA LEU A 272 14.60 -17.16 9.58
C LEU A 272 15.84 -17.85 9.04
N GLU A 273 15.76 -19.16 8.80
CA GLU A 273 16.92 -19.92 8.36
C GLU A 273 17.40 -19.44 6.99
N LEU A 274 16.48 -19.22 6.06
CA LEU A 274 16.88 -18.79 4.71
C LEU A 274 17.45 -17.38 4.72
N LEU A 275 16.87 -16.49 5.55
CA LEU A 275 17.46 -15.16 5.73
C LEU A 275 18.88 -15.26 6.26
N GLN A 276 19.09 -16.10 7.27
CA GLN A 276 20.42 -16.26 7.87
C GLN A 276 21.40 -16.86 6.87
N LEU A 277 20.93 -17.82 6.05
CA LEU A 277 21.78 -18.40 5.03
C LEU A 277 22.20 -17.37 3.99
N GLN A 278 21.22 -16.62 3.46
CA GLN A 278 21.53 -15.56 2.51
C GLN A 278 22.55 -14.57 3.09
N GLN A 279 22.34 -14.17 4.34
CA GLN A 279 23.20 -13.17 4.98
C GLN A 279 24.63 -13.67 5.09
N LYS A 280 24.83 -14.89 5.62
CA LYS A 280 26.19 -15.42 5.73
C LYS A 280 26.82 -15.59 4.36
N LEU A 281 26.04 -16.00 3.36
CA LEU A 281 26.60 -16.21 2.02
C LEU A 281 26.98 -14.89 1.36
N LEU A 282 26.16 -13.84 1.55
CA LEU A 282 26.49 -12.54 0.99
C LEU A 282 27.76 -11.96 1.60
N TRP A 283 27.95 -12.16 2.91
CA TRP A 283 29.16 -11.69 3.56
C TRP A 283 30.38 -12.42 3.03
N LEU A 284 30.26 -13.74 2.81
CA LEU A 284 31.33 -14.51 2.20
C LEU A 284 31.70 -13.94 0.83
N LEU A 285 30.70 -13.68 -0.01
CA LEU A 285 30.95 -13.09 -1.32
C LEU A 285 31.53 -11.68 -1.18
N TYR A 286 31.01 -10.92 -0.23
CA TYR A 286 31.53 -9.58 0.02
C TYR A 286 33.02 -9.60 0.32
N ASP A 287 33.42 -10.47 1.26
CA ASP A 287 34.81 -10.53 1.69
C ASP A 287 35.74 -10.94 0.55
N LEU A 288 35.24 -11.71 -0.41
CA LEU A 288 36.03 -12.12 -1.56
C LEU A 288 36.03 -11.08 -2.68
N GLY A 289 35.35 -9.95 -2.49
CA GLY A 289 35.30 -8.93 -3.51
C GLY A 289 34.30 -9.17 -4.63
N HIS A 290 33.36 -10.08 -4.46
CA HIS A 290 32.46 -10.41 -5.56
C HIS A 290 31.16 -9.63 -5.55
N LEU A 291 30.98 -8.69 -4.61
CA LEU A 291 29.84 -7.78 -4.68
C LEU A 291 30.24 -6.39 -5.13
N GLU A 292 31.53 -6.19 -5.48
CA GLU A 292 32.06 -4.88 -5.85
C GLU A 292 31.31 -4.26 -7.03
N ARG A 293 30.90 -5.07 -8.01
CA ARG A 293 30.17 -4.59 -9.17
C ARG A 293 28.71 -5.01 -9.16
N TYR A 294 28.14 -5.21 -7.98
CA TYR A 294 26.79 -5.75 -7.84
C TYR A 294 25.99 -4.88 -6.87
N PRO A 295 25.52 -3.71 -7.32
CA PRO A 295 24.80 -2.81 -6.40
C PRO A 295 23.60 -3.42 -5.68
N MET A 296 22.71 -4.18 -6.35
CA MET A 296 21.53 -4.68 -5.63
C MET A 296 21.91 -5.72 -4.59
N ALA A 297 22.98 -6.48 -4.82
CA ALA A 297 23.46 -7.40 -3.80
C ALA A 297 23.92 -6.65 -2.55
N LEU A 298 24.60 -5.51 -2.74
CA LEU A 298 25.02 -4.69 -1.59
C LEU A 298 23.82 -4.11 -0.86
N GLY A 299 22.76 -3.72 -1.58
CA GLY A 299 21.56 -3.24 -0.90
C GLY A 299 20.84 -4.35 -0.16
N ASN A 300 20.77 -5.53 -0.78
CA ASN A 300 20.26 -6.74 -0.12
C ASN A 300 20.98 -6.98 1.19
N LEU A 301 22.32 -6.93 1.17
CA LEU A 301 23.07 -7.19 2.38
C LEU A 301 22.81 -6.11 3.44
N ALA A 302 22.70 -4.86 3.02
CA ALA A 302 22.39 -3.80 3.95
C ALA A 302 21.01 -3.99 4.58
N ASP A 303 20.03 -4.38 3.77
CA ASP A 303 18.69 -4.67 4.27
C ASP A 303 18.71 -5.77 5.34
N LEU A 304 19.51 -6.81 5.12
CA LEU A 304 19.62 -7.89 6.10
C LEU A 304 20.29 -7.41 7.38
N GLU A 305 21.32 -6.57 7.24
CA GLU A 305 22.02 -6.04 8.42
C GLU A 305 21.13 -5.09 9.21
N GLU A 306 20.18 -4.41 8.54
CA GLU A 306 19.23 -3.57 9.24
C GLU A 306 18.38 -4.39 10.20
N LEU A 307 17.97 -5.59 9.78
CA LEU A 307 17.13 -6.42 10.62
C LEU A 307 17.95 -7.23 11.63
N GLU A 308 19.12 -7.71 11.22
CA GLU A 308 19.94 -8.61 12.05
C GLU A 308 21.40 -8.19 11.96
N PRO A 309 21.78 -7.12 12.66
CA PRO A 309 23.16 -6.62 12.53
C PRO A 309 24.18 -7.66 12.98
N THR A 310 25.21 -7.85 12.14
CA THR A 310 26.30 -8.75 12.47
C THR A 310 27.41 -7.99 13.18
N PRO A 311 27.75 -8.33 14.42
CA PRO A 311 28.79 -7.57 15.14
C PRO A 311 30.11 -7.60 14.39
N GLY A 312 30.79 -6.44 14.39
CA GLY A 312 32.04 -6.30 13.69
C GLY A 312 31.93 -5.91 12.23
N ARG A 313 30.68 -5.81 11.67
CA ARG A 313 30.46 -5.52 10.26
C ARG A 313 30.04 -4.07 10.06
N PRO A 314 30.29 -3.50 8.88
CA PRO A 314 29.83 -2.14 8.60
C PRO A 314 28.32 -2.02 8.81
N ASP A 315 27.86 -0.84 9.20
CA ASP A 315 26.44 -0.65 9.44
C ASP A 315 25.71 -0.49 8.10
N PRO A 316 24.38 -0.58 8.11
CA PRO A 316 23.65 -0.58 6.82
C PRO A 316 23.91 0.64 5.95
N LEU A 317 24.01 1.85 6.54
CA LEU A 317 24.22 3.03 5.70
C LEU A 317 25.51 2.93 4.91
N THR A 318 26.57 2.42 5.53
CA THR A 318 27.82 2.23 4.80
C THR A 318 27.62 1.33 3.59
N LEU A 319 26.82 0.27 3.74
CA LEU A 319 26.61 -0.65 2.64
C LEU A 319 25.73 -0.03 1.56
N TYR A 320 24.67 0.69 1.95
CA TYR A 320 23.85 1.39 0.96
C TYR A 320 24.69 2.35 0.13
N HIS A 321 25.55 3.13 0.79
CA HIS A 321 26.43 4.03 0.06
C HIS A 321 27.46 3.28 -0.78
N LYS A 322 27.85 2.07 -0.38
CA LYS A 322 28.72 1.27 -1.23
C LYS A 322 28.02 0.85 -2.52
N GLY A 323 26.74 0.49 -2.42
CA GLY A 323 25.99 0.14 -3.62
C GLY A 323 25.82 1.31 -4.57
N ILE A 324 25.59 2.51 -4.01
CA ILE A 324 25.50 3.71 -4.85
C ILE A 324 26.85 3.99 -5.51
N ALA A 325 27.94 3.87 -4.74
CA ALA A 325 29.26 4.07 -5.31
C ALA A 325 29.56 3.06 -6.39
N SER A 326 29.11 1.81 -6.20
CA SER A 326 29.28 0.79 -7.22
C SER A 326 28.54 1.17 -8.50
N ALA A 327 27.28 1.61 -8.38
CA ALA A 327 26.52 1.98 -9.57
C ALA A 327 27.15 3.17 -10.28
N LYS A 328 27.66 4.15 -9.53
CA LYS A 328 28.36 5.26 -10.13
C LYS A 328 29.63 4.79 -10.82
N THR A 329 30.39 3.92 -10.17
CA THR A 329 31.71 3.53 -10.67
C THR A 329 31.60 2.67 -11.92
N TYR A 330 30.74 1.66 -11.88
CA TYR A 330 30.74 0.65 -12.95
C TYR A 330 29.58 0.79 -13.93
N TYR A 331 28.52 1.51 -13.58
CA TYR A 331 27.34 1.54 -14.44
C TYR A 331 26.89 2.96 -14.75
N ARG A 332 27.81 3.91 -14.76
CA ARG A 332 27.55 5.25 -15.26
C ARG A 332 26.50 5.98 -14.42
N ASP A 333 26.25 5.50 -13.20
CA ASP A 333 25.21 6.06 -12.34
C ASP A 333 23.85 6.04 -13.04
N GLU A 334 23.57 4.95 -13.76
CA GLU A 334 22.30 4.82 -14.48
C GLU A 334 21.38 3.75 -13.88
N HIS A 335 21.63 3.33 -12.65
CA HIS A 335 20.77 2.40 -11.92
C HIS A 335 19.82 3.15 -11.01
N ILE A 336 18.60 2.63 -10.85
CA ILE A 336 17.58 3.25 -10.02
C ILE A 336 17.60 2.71 -8.60
N TYR A 337 17.69 1.39 -8.43
CA TYR A 337 17.50 0.81 -7.10
C TYR A 337 18.54 1.24 -6.05
N PRO A 338 19.81 1.54 -6.38
CA PRO A 338 20.73 1.98 -5.30
C PRO A 338 20.19 3.11 -4.44
N TYR A 339 19.52 4.10 -5.05
CA TYR A 339 18.91 5.19 -4.30
C TYR A 339 17.63 4.78 -3.60
N MET A 340 16.87 3.82 -4.16
CA MET A 340 15.66 3.38 -3.46
C MET A 340 15.99 2.58 -2.22
N TYR A 341 17.04 1.76 -2.27
CA TYR A 341 17.51 1.09 -1.06
C TYR A 341 17.81 2.10 0.03
N LEU A 342 18.59 3.12 -0.30
CA LEU A 342 18.99 4.13 0.67
C LEU A 342 17.78 4.90 1.18
N ALA A 343 16.93 5.37 0.27
CA ALA A 343 15.74 6.12 0.69
C ALA A 343 14.87 5.31 1.64
N GLY A 344 14.67 4.03 1.35
CA GLY A 344 13.83 3.20 2.19
C GLY A 344 14.37 3.08 3.61
N TYR A 345 15.67 2.91 3.75
CA TYR A 345 16.26 2.85 5.08
C TYR A 345 16.03 4.16 5.83
N HIS A 346 16.28 5.29 5.17
CA HIS A 346 16.06 6.57 5.82
C HIS A 346 14.60 6.74 6.20
N CYS A 347 13.69 6.20 5.38
CA CYS A 347 12.27 6.31 5.66
C CYS A 347 11.90 5.52 6.91
N ARG A 348 12.29 4.24 6.97
CA ARG A 348 12.01 3.44 8.16
C ARG A 348 12.71 3.97 9.41
N ASN A 349 13.75 4.78 9.26
CA ASN A 349 14.45 5.37 10.40
C ASN A 349 14.06 6.82 10.65
N ARG A 350 13.02 7.31 9.98
CA ARG A 350 12.42 8.63 10.23
C ARG A 350 13.43 9.75 9.97
N ASN A 351 14.37 9.52 9.06
CA ASN A 351 15.26 10.56 8.57
C ASN A 351 14.60 11.19 7.34
N VAL A 352 13.71 12.14 7.60
CA VAL A 352 12.83 12.66 6.55
C VAL A 352 13.62 13.40 5.49
N ARG A 353 14.51 14.32 5.91
CA ARG A 353 15.33 15.07 4.96
C ARG A 353 16.10 14.13 4.05
N GLU A 354 16.77 13.15 4.64
CA GLU A 354 17.62 12.24 3.88
C GLU A 354 16.80 11.32 2.97
N ALA A 355 15.64 10.88 3.44
CA ALA A 355 14.77 10.07 2.58
C ALA A 355 14.32 10.85 1.35
N LEU A 356 13.85 12.09 1.56
CA LEU A 356 13.36 12.89 0.45
C LEU A 356 14.48 13.21 -0.53
N GLN A 357 15.69 13.46 -0.03
CA GLN A 357 16.79 13.74 -0.93
C GLN A 357 17.17 12.50 -1.73
N ALA A 358 17.11 11.32 -1.12
CA ALA A 358 17.45 10.10 -1.85
C ALA A 358 16.39 9.76 -2.90
N TRP A 359 15.11 10.04 -2.62
CA TRP A 359 14.09 9.87 -3.64
C TRP A 359 14.22 10.89 -4.75
N ALA A 360 14.56 12.13 -4.40
CA ALA A 360 14.86 13.11 -5.45
C ALA A 360 16.03 12.65 -6.31
N ASP A 361 17.08 12.11 -5.69
CA ASP A 361 18.18 11.54 -6.46
C ASP A 361 17.72 10.38 -7.33
N THR A 362 16.75 9.60 -6.85
CA THR A 362 16.20 8.50 -7.63
C THR A 362 15.52 9.02 -8.90
N ALA A 363 14.67 10.04 -8.75
CA ALA A 363 13.98 10.61 -9.91
C ALA A 363 14.95 11.28 -10.87
N THR A 364 16.08 11.77 -10.36
CA THR A 364 17.06 12.40 -11.23
C THR A 364 17.72 11.38 -12.17
N VAL A 365 17.81 10.11 -11.76
CA VAL A 365 18.35 9.09 -12.66
C VAL A 365 17.31 8.68 -13.69
N ILE A 366 16.05 8.48 -13.25
CA ILE A 366 15.02 8.01 -14.17
C ILE A 366 14.67 9.05 -15.22
N GLN A 367 14.89 10.33 -14.94
CA GLN A 367 14.40 11.38 -15.84
C GLN A 367 15.03 11.31 -17.22
N ASP A 368 16.17 10.65 -17.36
CA ASP A 368 16.89 10.53 -18.62
C ASP A 368 16.55 9.25 -19.38
N TYR A 369 15.62 8.46 -18.88
CA TYR A 369 15.10 7.27 -19.54
C TYR A 369 13.81 7.59 -20.28
N ASN A 370 13.44 6.73 -21.22
CA ASN A 370 12.12 6.76 -21.84
C ASN A 370 11.27 5.66 -21.25
N TYR A 371 10.09 6.02 -20.75
CA TYR A 371 9.21 5.04 -20.15
C TYR A 371 8.61 4.17 -21.23
N CYS A 372 8.99 2.90 -21.25
CA CYS A 372 8.59 1.96 -22.29
C CYS A 372 7.69 0.89 -21.69
N ARG A 373 7.09 0.08 -22.56
CA ARG A 373 6.03 -0.83 -22.15
C ARG A 373 6.51 -1.87 -21.14
N GLU A 374 7.75 -2.33 -21.26
CA GLU A 374 8.26 -3.38 -20.38
C GLU A 374 8.86 -2.83 -19.09
N ASP A 375 8.68 -1.54 -18.79
CA ASP A 375 9.30 -0.94 -17.61
C ASP A 375 8.38 -0.95 -16.40
N GLU A 376 7.33 -1.78 -16.41
CA GLU A 376 6.27 -1.67 -15.41
C GLU A 376 6.77 -1.82 -13.98
N GLU A 377 7.82 -2.62 -13.75
CA GLU A 377 8.28 -2.87 -12.39
C GLU A 377 8.82 -1.61 -11.72
N ILE A 378 9.65 -0.84 -12.42
CA ILE A 378 10.13 0.40 -11.82
C ILE A 378 9.01 1.42 -11.69
N TYR A 379 8.04 1.39 -12.63
CA TYR A 379 6.85 2.22 -12.48
C TYR A 379 6.11 1.90 -11.19
N LYS A 380 5.89 0.62 -10.89
CA LYS A 380 5.21 0.29 -9.64
C LYS A 380 5.98 0.75 -8.41
N GLU A 381 7.33 0.72 -8.46
CA GLU A 381 8.08 1.21 -7.31
C GLU A 381 7.91 2.72 -7.14
N PHE A 382 7.97 3.48 -8.24
CA PHE A 382 7.76 4.92 -8.17
C PHE A 382 6.33 5.25 -7.75
N PHE A 383 5.37 4.45 -8.22
CA PHE A 383 4.00 4.62 -7.81
C PHE A 383 3.86 4.50 -6.29
N GLU A 384 4.45 3.45 -5.71
CA GLU A 384 4.32 3.26 -4.26
C GLU A 384 5.03 4.35 -3.48
N VAL A 385 6.17 4.82 -3.99
CA VAL A 385 6.86 5.92 -3.33
C VAL A 385 5.99 7.17 -3.34
N ALA A 386 5.51 7.56 -4.53
CA ALA A 386 4.75 8.80 -4.65
C ALA A 386 3.43 8.74 -3.88
N ASN A 387 2.77 7.58 -3.92
CA ASN A 387 1.37 7.50 -3.53
C ASN A 387 1.15 6.73 -2.24
N ASP A 388 2.22 6.34 -1.57
CA ASP A 388 2.09 5.64 -0.30
C ASP A 388 3.24 6.01 0.64
N VAL A 389 4.48 5.78 0.21
CA VAL A 389 5.60 5.89 1.13
C VAL A 389 5.86 7.35 1.50
N ILE A 390 5.92 8.25 0.52
CA ILE A 390 6.10 9.67 0.84
C ILE A 390 4.90 10.21 1.62
N PRO A 391 3.64 9.95 1.24
CA PRO A 391 2.53 10.37 2.12
C PRO A 391 2.67 9.87 3.56
N ASN A 392 3.06 8.61 3.74
CA ASN A 392 3.25 8.08 5.09
C ASN A 392 4.40 8.79 5.80
N LEU A 393 5.51 9.03 5.10
CA LEU A 393 6.63 9.74 5.70
C LEU A 393 6.21 11.13 6.18
N LEU A 394 5.45 11.85 5.35
CA LEU A 394 5.08 13.21 5.71
C LEU A 394 4.04 13.22 6.82
N LYS A 395 3.13 12.24 6.82
CA LYS A 395 2.16 12.11 7.92
C LYS A 395 2.88 11.84 9.24
N GLU A 396 3.88 10.95 9.23
CA GLU A 396 4.74 10.75 10.38
C GLU A 396 5.37 12.05 10.86
N ALA A 397 5.97 12.80 9.94
CA ALA A 397 6.59 14.07 10.31
C ALA A 397 5.57 15.04 10.87
N ALA A 398 4.36 15.07 10.29
CA ALA A 398 3.33 15.97 10.80
C ALA A 398 2.94 15.61 12.24
N SER A 399 2.94 14.33 12.58
CA SER A 399 2.61 13.91 13.94
C SER A 399 3.64 14.39 14.95
N LEU A 400 4.90 14.53 14.54
CA LEU A 400 5.91 15.14 15.40
C LEU A 400 5.68 16.63 15.56
N LEU A 401 5.44 17.33 14.44
CA LEU A 401 5.25 18.77 14.48
C LEU A 401 4.05 19.17 15.34
N GLU A 402 2.95 18.41 15.23
CA GLU A 402 1.74 18.71 15.99
C GLU A 402 1.98 18.65 17.49
N ALA A 403 2.94 17.83 17.92
CA ALA A 403 3.16 17.56 19.35
C ALA A 403 3.95 18.67 20.04
N GLY A 419 14.83 21.41 13.55
CA GLY A 419 13.40 21.62 13.43
C GLY A 419 12.72 20.59 12.54
N SER A 420 11.39 20.66 12.47
CA SER A 420 10.63 19.69 11.70
C SER A 420 10.95 19.78 10.22
N ALA A 421 11.00 18.62 9.55
CA ALA A 421 11.25 18.60 8.12
C ALA A 421 10.16 19.29 7.33
N LEU A 422 8.92 19.32 7.85
CA LEU A 422 7.85 20.01 7.14
C LEU A 422 8.00 21.52 7.18
N GLN A 423 8.92 22.04 7.99
CA GLN A 423 9.19 23.46 8.04
C GLN A 423 10.46 23.83 7.28
N ASP A 424 11.04 22.88 6.56
CA ASP A 424 12.32 23.05 5.89
C ASP A 424 12.09 23.16 4.39
N PRO A 425 12.28 24.33 3.78
CA PRO A 425 12.08 24.44 2.32
C PRO A 425 12.94 23.50 1.50
N GLU A 426 14.09 23.05 2.02
CA GLU A 426 14.89 22.06 1.30
C GLU A 426 14.12 20.77 1.12
N CYS A 427 13.36 20.35 2.14
CA CYS A 427 12.55 19.15 2.01
C CYS A 427 11.48 19.32 0.97
N PHE A 428 10.82 20.48 0.96
CA PHE A 428 9.82 20.77 -0.05
C PHE A 428 10.43 20.74 -1.45
N ALA A 429 11.62 21.34 -1.61
CA ALA A 429 12.29 21.33 -2.90
C ALA A 429 12.64 19.91 -3.33
N HIS A 430 13.03 19.05 -2.38
CA HIS A 430 13.31 17.66 -2.74
C HIS A 430 12.07 16.96 -3.24
N LEU A 431 10.92 17.23 -2.61
CA LEU A 431 9.66 16.67 -3.08
C LEU A 431 9.35 17.12 -4.50
N LEU A 432 9.59 18.40 -4.80
CA LEU A 432 9.31 18.90 -6.15
C LEU A 432 10.27 18.30 -7.16
N ARG A 433 11.53 18.13 -6.77
CA ARG A 433 12.52 17.54 -7.66
C ARG A 433 12.16 16.10 -7.99
N PHE A 434 11.62 15.36 -7.01
CA PHE A 434 11.12 14.01 -7.24
C PHE A 434 10.05 14.00 -8.33
N TYR A 435 9.05 14.88 -8.20
CA TYR A 435 8.01 14.92 -9.22
C TYR A 435 8.55 15.43 -10.55
N ASP A 436 9.50 16.37 -10.52
CA ASP A 436 10.08 16.87 -11.77
C ASP A 436 10.79 15.76 -12.54
N GLY A 437 11.50 14.87 -11.84
CA GLY A 437 12.16 13.77 -12.51
C GLY A 437 11.17 12.80 -13.15
N ILE A 438 10.08 12.51 -12.44
CA ILE A 438 9.02 11.65 -12.97
C ILE A 438 8.40 12.27 -14.21
N CYS A 439 8.11 13.58 -14.15
CA CYS A 439 7.50 14.25 -15.29
C CYS A 439 8.45 14.26 -16.49
N LYS A 440 9.74 14.49 -16.25
CA LYS A 440 10.70 14.49 -17.35
C LYS A 440 10.89 13.09 -17.92
N TRP A 441 10.81 12.06 -17.06
CA TRP A 441 10.81 10.67 -17.52
C TRP A 441 9.66 10.42 -18.49
N GLU A 442 8.45 10.86 -18.11
CA GLU A 442 7.27 10.73 -18.96
C GLU A 442 7.41 11.51 -20.25
N GLU A 443 7.99 12.71 -20.17
CA GLU A 443 8.04 13.62 -21.31
C GLU A 443 8.66 12.95 -22.51
N GLY A 444 7.91 12.92 -23.61
CA GLY A 444 8.39 12.33 -24.84
C GLY A 444 8.43 10.82 -24.86
N SER A 445 7.90 10.15 -23.84
CA SER A 445 8.00 8.70 -23.77
C SER A 445 6.81 8.04 -24.49
N PRO A 446 6.97 6.79 -24.95
CA PRO A 446 5.84 6.12 -25.62
C PRO A 446 4.69 5.75 -24.70
N THR A 447 4.87 5.80 -23.37
CA THR A 447 3.85 5.43 -22.42
C THR A 447 3.59 6.58 -21.44
N PRO A 448 2.34 6.86 -21.11
CA PRO A 448 2.07 7.86 -20.05
C PRO A 448 2.48 7.33 -18.69
N VAL A 449 2.79 8.27 -17.79
CA VAL A 449 3.19 7.94 -16.42
C VAL A 449 2.15 8.42 -15.41
N LEU A 450 1.82 9.71 -15.44
CA LEU A 450 0.97 10.31 -14.43
C LEU A 450 -0.50 10.15 -14.78
N HIS A 451 -1.31 9.83 -13.76
CA HIS A 451 -2.76 9.70 -13.90
C HIS A 451 -3.39 10.39 -12.70
N VAL A 452 -4.73 10.46 -12.70
CA VAL A 452 -5.43 11.35 -11.77
C VAL A 452 -5.12 10.98 -10.32
N GLY A 453 -5.00 9.68 -10.03
CA GLY A 453 -4.68 9.25 -8.68
C GLY A 453 -3.37 9.81 -8.15
N TRP A 454 -2.38 9.98 -9.03
CA TRP A 454 -1.12 10.60 -8.62
C TRP A 454 -1.35 12.03 -8.17
N ALA A 455 -2.26 12.74 -8.83
CA ALA A 455 -2.50 14.13 -8.48
C ALA A 455 -3.13 14.26 -7.10
N THR A 456 -3.94 13.28 -6.71
CA THR A 456 -4.55 13.33 -5.38
C THR A 456 -3.48 13.29 -4.29
N PHE A 457 -2.48 12.42 -4.47
CA PHE A 457 -1.45 12.34 -3.45
C PHE A 457 -0.47 13.50 -3.54
N LEU A 458 -0.22 14.05 -4.73
CA LEU A 458 0.62 15.24 -4.84
C LEU A 458 -0.01 16.41 -4.08
N VAL A 459 -1.30 16.66 -4.31
CA VAL A 459 -1.99 17.74 -3.61
C VAL A 459 -1.90 17.56 -2.10
N GLN A 460 -2.03 16.32 -1.64
CA GLN A 460 -1.94 16.03 -0.22
C GLN A 460 -0.52 16.25 0.30
N SER A 461 0.50 15.85 -0.47
CA SER A 461 1.87 16.04 -0.01
C SER A 461 2.27 17.52 -0.04
N LEU A 462 1.83 18.27 -1.05
CA LEU A 462 2.06 19.71 -1.04
C LEU A 462 1.49 20.35 0.23
N GLY A 463 0.26 19.96 0.59
CA GLY A 463 -0.39 20.56 1.75
C GLY A 463 0.30 20.30 3.06
N ARG A 464 1.14 19.27 3.14
CA ARG A 464 1.91 19.00 4.35
C ARG A 464 2.91 20.11 4.64
N PHE A 465 3.20 20.96 3.66
CA PHE A 465 4.14 22.07 3.81
C PHE A 465 3.33 23.36 3.81
N GLU A 466 3.40 24.10 4.90
CA GLU A 466 2.70 25.37 5.00
C GLU A 466 3.10 26.29 3.86
N GLY A 467 2.16 27.14 3.44
CA GLY A 467 2.42 28.06 2.36
C GLY A 467 3.64 28.93 2.60
N GLN A 468 3.86 29.32 3.87
CA GLN A 468 5.01 30.15 4.18
C GLN A 468 6.33 29.42 3.94
N VAL A 469 6.33 28.09 4.10
CA VAL A 469 7.51 27.30 3.78
C VAL A 469 7.63 27.16 2.26
N ARG A 470 6.52 26.83 1.59
CA ARG A 470 6.55 26.62 0.14
C ARG A 470 6.99 27.86 -0.62
N GLN A 471 6.62 29.05 -0.13
CA GLN A 471 6.94 30.30 -0.82
C GLN A 471 8.40 30.72 -0.68
N LYS A 472 9.22 29.96 0.02
CA LYS A 472 10.62 30.29 0.19
C LYS A 472 11.50 29.70 -0.90
N VAL A 473 11.04 28.70 -1.64
CA VAL A 473 11.90 28.07 -2.64
C VAL A 473 11.96 28.92 -3.90
N ARG A 474 13.11 28.85 -4.58
CA ARG A 474 13.29 29.38 -5.94
C ARG A 474 13.95 28.24 -6.71
N ILE A 475 13.19 27.56 -7.55
CA ILE A 475 13.63 26.32 -8.17
C ILE A 475 13.54 26.46 -9.67
N THR A 476 14.40 25.74 -10.40
CA THR A 476 14.21 25.56 -11.84
C THR A 476 13.86 24.10 -12.10
N PHE A 477 12.87 23.90 -12.96
CA PHE A 477 12.42 22.57 -13.33
C PHE A 477 12.98 22.19 -14.69
N GLN A 478 13.17 20.87 -14.90
CA GLN A 478 13.50 20.33 -16.22
C GLN A 478 12.27 20.02 -17.05
N SER A 479 11.20 19.54 -16.44
CA SER A 479 10.06 19.03 -17.19
C SER A 479 9.12 20.17 -17.58
N GLU A 480 8.55 20.08 -18.78
CA GLU A 480 7.53 21.05 -19.18
C GLU A 480 6.33 20.99 -18.26
N LYS A 481 5.98 19.79 -17.77
CA LYS A 481 4.81 19.65 -16.93
C LYS A 481 4.98 20.42 -15.62
N MET A 482 6.17 20.41 -15.06
CA MET A 482 6.36 21.03 -13.76
C MET A 482 6.56 22.54 -13.95
N LYS A 483 7.28 22.92 -15.02
CA LYS A 483 7.37 24.32 -15.43
C LYS A 483 5.98 24.93 -15.53
N GLY A 484 5.05 24.20 -16.16
CA GLY A 484 3.69 24.66 -16.36
C GLY A 484 2.84 24.71 -15.12
N MET A 485 3.39 24.43 -13.94
CA MET A 485 2.58 24.63 -12.75
C MET A 485 3.41 25.03 -11.55
N LYS A 486 4.57 25.63 -11.79
CA LYS A 486 5.41 26.11 -10.70
C LYS A 486 4.64 27.04 -9.78
N GLU A 487 3.94 28.02 -10.35
CA GLU A 487 3.24 28.98 -9.50
C GLU A 487 2.14 28.33 -8.68
N LEU A 488 1.47 27.32 -9.23
CA LEU A 488 0.44 26.60 -8.47
C LEU A 488 1.04 25.88 -7.27
N LEU A 489 2.30 25.46 -7.36
CA LEU A 489 2.91 24.66 -6.30
C LEU A 489 3.31 25.48 -5.09
N VAL A 490 3.56 26.77 -5.28
CA VAL A 490 4.03 27.62 -4.20
C VAL A 490 2.97 28.61 -3.75
N ALA A 491 1.75 28.51 -4.28
CA ALA A 491 0.71 29.45 -3.91
C ALA A 491 0.21 29.16 -2.50
N THR A 492 -0.20 30.23 -1.80
CA THR A 492 -0.75 30.10 -0.46
C THR A 492 -1.88 29.09 -0.42
N LYS A 493 -2.84 29.23 -1.34
CA LYS A 493 -3.91 28.26 -1.53
C LYS A 493 -3.49 27.26 -2.60
N ILE A 494 -3.62 25.98 -2.31
CA ILE A 494 -3.27 24.93 -3.26
C ILE A 494 -4.51 24.63 -4.11
N ASN A 495 -4.43 24.94 -5.40
CA ASN A 495 -5.55 24.75 -6.32
C ASN A 495 -5.54 23.30 -6.77
N SER A 496 -6.31 22.47 -6.06
CA SER A 496 -6.29 21.03 -6.29
C SER A 496 -6.71 20.68 -7.71
N SER A 497 -7.82 21.25 -8.18
CA SER A 497 -8.33 20.87 -9.50
C SER A 497 -7.36 21.26 -10.61
N ALA A 498 -6.74 22.44 -10.50
CA ALA A 498 -5.78 22.88 -11.51
C ALA A 498 -4.53 22.01 -11.49
N ILE A 499 -4.03 21.66 -10.31
CA ILE A 499 -2.86 20.78 -10.23
C ILE A 499 -3.18 19.41 -10.83
N LYS A 500 -4.41 18.92 -10.61
CA LYS A 500 -4.82 17.65 -11.20
C LYS A 500 -4.86 17.74 -12.71
N LEU A 501 -5.48 18.79 -13.25
CA LEU A 501 -5.45 19.03 -14.68
C LEU A 501 -4.02 19.06 -15.22
N GLN A 502 -3.13 19.76 -14.52
CA GLN A 502 -1.77 19.92 -15.03
C GLN A 502 -0.98 18.62 -14.93
N LEU A 503 -1.09 17.92 -13.80
CA LEU A 503 -0.33 16.69 -13.65
C LEU A 503 -0.79 15.62 -14.64
N THR A 504 -2.06 15.63 -15.02
CA THR A 504 -2.62 14.65 -15.94
C THR A 504 -2.58 15.09 -17.40
N ALA A 505 -2.00 16.25 -17.70
CA ALA A 505 -1.95 16.71 -19.09
C ALA A 505 -1.20 15.70 -19.94
N GLN A 506 -1.74 15.44 -21.14
CA GLN A 506 -1.23 14.36 -21.95
C GLN A 506 0.18 14.68 -22.42
N SER A 507 1.06 13.70 -22.28
CA SER A 507 2.41 13.78 -22.84
C SER A 507 2.34 13.36 -24.31
N LEU B 21 -23.44 25.65 31.73
CA LEU B 21 -23.63 24.23 31.99
C LEU B 21 -24.60 24.03 33.15
N LYS B 22 -25.50 23.06 33.04
CA LYS B 22 -26.44 22.82 34.13
C LYS B 22 -25.82 21.91 35.18
N THR B 23 -26.45 21.90 36.36
CA THR B 23 -25.85 21.23 37.51
C THR B 23 -25.78 19.72 37.31
N ALA B 24 -26.72 19.14 36.57
CA ALA B 24 -26.65 17.71 36.28
C ALA B 24 -25.38 17.36 35.52
N GLN B 25 -24.95 18.25 34.62
CA GLN B 25 -23.72 18.02 33.86
C GLN B 25 -22.49 18.24 34.75
N LYS B 26 -22.49 19.35 35.51
CA LYS B 26 -21.32 19.68 36.32
C LYS B 26 -20.98 18.59 37.34
N THR B 27 -21.99 17.85 37.81
CA THR B 27 -21.78 16.88 38.87
C THR B 27 -20.86 15.74 38.43
N LEU B 28 -20.81 15.47 37.13
CA LEU B 28 -19.99 14.39 36.59
C LEU B 28 -18.52 14.77 36.43
N PHE B 29 -18.14 16.04 36.72
CA PHE B 29 -16.75 16.47 36.62
C PHE B 29 -16.07 16.44 37.99
N PRO B 30 -14.74 16.25 38.05
CA PRO B 30 -13.81 16.07 36.92
C PRO B 30 -13.91 14.69 36.29
N LEU B 31 -13.62 14.59 35.00
CA LEU B 31 -13.46 13.30 34.35
C LEU B 31 -12.02 12.85 34.55
N ARG B 32 -11.85 11.71 35.22
CA ARG B 32 -10.53 11.18 35.54
C ARG B 32 -10.22 9.88 34.81
N SER B 33 -11.14 9.40 33.98
CA SER B 33 -10.95 8.10 33.35
C SER B 33 -11.87 8.00 32.14
N ILE B 34 -11.62 6.96 31.34
CA ILE B 34 -12.49 6.64 30.21
C ILE B 34 -13.92 6.41 30.69
N ASP B 35 -14.07 5.65 31.78
CA ASP B 35 -15.39 5.38 32.34
C ASP B 35 -16.11 6.66 32.72
N ASP B 36 -15.38 7.64 33.25
CA ASP B 36 -15.99 8.92 33.54
C ASP B 36 -16.54 9.56 32.27
N VAL B 37 -15.78 9.50 31.16
CA VAL B 37 -16.27 10.04 29.90
C VAL B 37 -17.53 9.31 29.46
N VAL B 38 -17.51 7.98 29.53
CA VAL B 38 -18.65 7.19 29.10
C VAL B 38 -19.90 7.57 29.92
N ARG B 39 -19.74 7.71 31.23
CA ARG B 39 -20.88 8.06 32.07
C ARG B 39 -21.43 9.44 31.70
N LEU B 40 -20.56 10.37 31.30
CA LEU B 40 -21.03 11.66 30.81
C LEU B 40 -21.86 11.51 29.54
N PHE B 41 -21.38 10.71 28.60
CA PHE B 41 -22.13 10.52 27.36
C PHE B 41 -23.47 9.83 27.63
N ALA B 42 -23.48 8.83 28.51
CA ALA B 42 -24.72 8.15 28.87
C ALA B 42 -25.72 9.14 29.45
N ALA B 43 -25.26 10.03 30.32
CA ALA B 43 -26.16 11.03 30.91
C ALA B 43 -26.70 11.94 29.83
N GLU B 44 -25.84 12.45 28.95
CA GLU B 44 -26.31 13.35 27.89
C GLU B 44 -27.27 12.63 26.95
N LEU B 45 -27.00 11.36 26.62
CA LEU B 45 -27.86 10.64 25.69
C LEU B 45 -29.23 10.32 26.29
N GLY B 46 -29.39 10.40 27.60
CA GLY B 46 -30.70 10.27 28.24
C GLY B 46 -31.52 11.54 28.23
N ARG B 47 -31.03 12.57 27.56
CA ARG B 47 -31.71 13.85 27.41
C ARG B 47 -32.24 13.96 26.00
N GLU B 48 -33.20 14.86 25.80
CA GLU B 48 -33.72 15.06 24.45
C GLU B 48 -32.73 15.81 23.58
N GLU B 49 -31.90 16.65 24.17
CA GLU B 49 -30.88 17.38 23.44
C GLU B 49 -29.56 17.14 24.15
N PRO B 50 -28.89 16.03 23.85
CA PRO B 50 -27.49 15.89 24.27
C PRO B 50 -26.70 17.09 23.77
N ASP B 51 -25.85 17.62 24.65
CA ASP B 51 -25.12 18.85 24.39
C ASP B 51 -23.93 18.52 23.50
N LEU B 52 -24.08 18.79 22.20
CA LEU B 52 -23.03 18.44 21.23
C LEU B 52 -21.75 19.22 21.48
N VAL B 53 -21.88 20.49 21.87
CA VAL B 53 -20.71 21.32 22.12
C VAL B 53 -19.93 20.80 23.31
N LEU B 54 -20.64 20.46 24.40
CA LEU B 54 -19.98 19.90 25.58
C LEU B 54 -19.28 18.58 25.25
N LEU B 55 -19.99 17.69 24.55
CA LEU B 55 -19.41 16.37 24.31
C LEU B 55 -18.22 16.45 23.37
N SER B 56 -18.30 17.29 22.32
CA SER B 56 -17.18 17.38 21.38
C SER B 56 -15.97 18.04 22.04
N LEU B 57 -16.21 19.03 22.90
CA LEU B 57 -15.10 19.64 23.63
C LEU B 57 -14.38 18.62 24.48
N VAL B 58 -15.12 17.75 25.16
CA VAL B 58 -14.49 16.74 26.00
C VAL B 58 -13.65 15.77 25.16
N LEU B 59 -14.23 15.27 24.07
CA LEU B 59 -13.48 14.34 23.23
C LEU B 59 -12.25 15.00 22.63
N GLY B 60 -12.37 16.26 22.20
CA GLY B 60 -11.22 16.95 21.64
C GLY B 60 -10.14 17.26 22.67
N PHE B 61 -10.55 17.62 23.89
CA PHE B 61 -9.59 17.81 24.97
C PHE B 61 -8.82 16.52 25.24
N VAL B 62 -9.55 15.42 25.39
CA VAL B 62 -8.95 14.14 25.73
C VAL B 62 -8.07 13.64 24.59
N GLU B 63 -8.51 13.83 23.34
CA GLU B 63 -7.68 13.39 22.22
C GLU B 63 -6.43 14.25 22.09
N HIS B 64 -6.53 15.54 22.42
CA HIS B 64 -5.37 16.39 22.28
C HIS B 64 -4.24 15.92 23.17
N PHE B 65 -4.55 15.58 24.42
CA PHE B 65 -3.51 15.20 25.37
C PHE B 65 -3.21 13.71 25.34
N LEU B 66 -3.90 12.93 24.52
CA LEU B 66 -3.57 11.54 24.32
C LEU B 66 -2.95 11.23 22.97
N ALA B 67 -3.14 12.09 21.96
CA ALA B 67 -2.64 11.76 20.64
C ALA B 67 -1.92 12.93 19.98
N VAL B 68 -2.37 14.16 20.21
CA VAL B 68 -1.66 15.31 19.63
C VAL B 68 -0.37 15.57 20.40
N ASN B 69 -0.50 15.83 21.69
CA ASN B 69 0.61 16.01 22.62
C ASN B 69 0.65 14.74 23.47
N ARG B 70 1.43 13.75 23.03
CA ARG B 70 1.56 12.50 23.78
C ARG B 70 2.48 12.76 24.97
N VAL B 71 1.93 12.73 26.18
CA VAL B 71 2.70 13.10 27.36
C VAL B 71 3.67 11.99 27.75
N ILE B 72 3.18 10.76 27.77
CA ILE B 72 3.97 9.59 28.17
C ILE B 72 4.19 8.74 26.94
N PRO B 73 5.43 8.36 26.62
CA PRO B 73 5.64 7.48 25.46
C PRO B 73 4.91 6.17 25.62
N THR B 74 4.44 5.62 24.49
CA THR B 74 3.79 4.32 24.47
C THR B 74 4.79 3.16 24.48
N ASN B 75 6.09 3.44 24.52
CA ASN B 75 7.07 2.37 24.46
C ASN B 75 6.91 1.39 25.62
N VAL B 76 7.02 0.10 25.30
CA VAL B 76 7.08 -0.96 26.30
C VAL B 76 8.54 -1.38 26.45
N PRO B 77 9.07 -1.43 27.68
CA PRO B 77 10.47 -1.83 27.86
C PRO B 77 10.71 -3.24 27.32
N GLU B 78 11.98 -3.51 26.98
CA GLU B 78 12.38 -4.85 26.57
C GLU B 78 12.04 -5.85 27.66
N LEU B 79 11.33 -6.91 27.29
CA LEU B 79 10.86 -7.90 28.26
C LEU B 79 12.04 -8.63 28.89
N THR B 80 12.29 -8.36 30.16
CA THR B 80 13.30 -9.04 30.95
C THR B 80 12.72 -9.29 32.35
N PHE B 81 13.46 -10.07 33.14
CA PHE B 81 13.07 -10.38 34.50
C PHE B 81 14.27 -10.23 35.43
N GLN B 82 13.97 -10.02 36.72
CA GLN B 82 14.97 -9.86 37.77
C GLN B 82 14.28 -10.00 39.13
N PRO B 83 15.01 -10.37 40.19
CA PRO B 83 14.35 -10.61 41.49
C PRO B 83 13.50 -9.45 42.02
N SER B 84 13.92 -8.20 41.82
CA SER B 84 13.19 -7.06 42.38
C SER B 84 12.17 -6.56 41.35
N PRO B 85 11.36 -5.54 41.66
CA PRO B 85 10.49 -4.97 40.63
C PRO B 85 11.30 -4.35 39.49
N ALA B 86 10.73 -4.40 38.29
CA ALA B 86 11.35 -3.70 37.16
C ALA B 86 11.37 -2.20 37.44
N PRO B 87 12.41 -1.49 36.98
CA PRO B 87 12.53 -0.06 37.29
C PRO B 87 11.45 0.81 36.66
N ASP B 88 10.97 0.45 35.48
CA ASP B 88 9.84 1.11 34.81
C ASP B 88 8.72 0.11 34.60
N PRO B 89 7.46 0.55 34.51
CA PRO B 89 6.36 -0.38 34.30
C PRO B 89 6.64 -1.30 33.11
N PRO B 90 6.76 -2.61 33.35
CA PRO B 90 7.29 -3.50 32.31
C PRO B 90 6.35 -3.73 31.14
N GLY B 91 5.08 -3.38 31.27
CA GLY B 91 4.16 -3.42 30.14
C GLY B 91 3.77 -2.07 29.60
N GLY B 92 4.45 -1.00 29.97
CA GLY B 92 4.03 0.33 29.61
C GLY B 92 2.90 0.83 30.48
N LEU B 93 2.41 2.02 30.12
CA LEU B 93 1.37 2.72 30.86
C LEU B 93 0.27 3.15 29.89
N THR B 94 -0.98 3.17 30.36
CA THR B 94 -2.03 3.96 29.75
C THR B 94 -2.34 5.10 30.70
N TYR B 95 -2.77 6.24 30.16
CA TYR B 95 -3.06 7.38 31.02
C TYR B 95 -4.32 8.11 30.55
N PHE B 96 -4.75 9.06 31.38
CA PHE B 96 -5.92 9.84 31.09
C PHE B 96 -5.65 11.28 31.51
N PRO B 97 -5.86 12.26 30.61
CA PRO B 97 -5.74 13.67 31.00
C PRO B 97 -7.00 14.14 31.72
N VAL B 98 -6.87 14.43 33.01
CA VAL B 98 -8.03 14.77 33.83
C VAL B 98 -8.67 16.00 33.23
N ALA B 99 -10.00 15.94 33.06
CA ALA B 99 -10.77 17.04 32.50
C ALA B 99 -11.54 17.73 33.62
N ASP B 100 -11.03 18.88 34.06
CA ASP B 100 -11.67 19.63 35.14
C ASP B 100 -12.83 20.45 34.61
N LEU B 101 -13.81 20.69 35.48
CA LEU B 101 -14.93 21.54 35.12
C LEU B 101 -14.46 22.91 34.67
N SER B 102 -13.49 23.48 35.39
CA SER B 102 -13.02 24.82 35.07
C SER B 102 -12.48 24.91 33.64
N ILE B 103 -11.67 23.93 33.24
CA ILE B 103 -11.08 23.97 31.91
C ILE B 103 -12.17 23.80 30.85
N ILE B 104 -13.00 22.77 31.00
CA ILE B 104 -14.04 22.49 30.01
C ILE B 104 -15.08 23.61 29.99
N ALA B 105 -15.51 24.08 31.16
CA ALA B 105 -16.54 25.13 31.19
C ALA B 105 -16.02 26.44 30.60
N ALA B 106 -14.73 26.74 30.75
CA ALA B 106 -14.19 27.96 30.15
C ALA B 106 -14.22 27.89 28.63
N LEU B 107 -13.87 26.73 28.06
CA LEU B 107 -13.88 26.57 26.61
C LEU B 107 -15.31 26.56 26.08
N TYR B 108 -16.22 25.90 26.80
CA TYR B 108 -17.64 25.92 26.46
C TYR B 108 -18.18 27.35 26.45
N ALA B 109 -17.86 28.12 27.49
CA ALA B 109 -18.29 29.51 27.55
C ALA B 109 -17.74 30.33 26.39
N ARG B 110 -16.47 30.12 26.04
CA ARG B 110 -15.87 30.79 24.89
C ARG B 110 -16.67 30.55 23.61
N PHE B 111 -16.95 29.30 23.30
CA PHE B 111 -17.71 28.96 22.09
C PHE B 111 -19.10 29.59 22.14
N THR B 112 -19.83 29.40 23.25
CA THR B 112 -21.21 29.88 23.29
C THR B 112 -21.26 31.40 23.23
N ALA B 113 -20.36 32.08 23.95
CA ALA B 113 -20.30 33.53 23.85
C ALA B 113 -20.03 33.97 22.42
N GLN B 114 -19.13 33.27 21.73
CA GLN B 114 -18.80 33.63 20.35
C GLN B 114 -20.03 33.51 19.45
N ILE B 115 -20.76 32.40 19.56
CA ILE B 115 -21.92 32.20 18.69
C ILE B 115 -23.03 33.16 19.07
N ARG B 116 -23.40 33.21 20.35
CA ARG B 116 -24.50 34.06 20.79
C ARG B 116 -24.22 35.53 20.49
N GLY B 117 -22.96 35.95 20.53
CA GLY B 117 -22.63 37.33 20.22
C GLY B 117 -22.69 37.66 18.74
N ALA B 118 -22.42 36.67 17.88
CA ALA B 118 -22.34 36.92 16.45
C ALA B 118 -23.68 36.81 15.73
N VAL B 119 -24.65 36.09 16.31
CA VAL B 119 -25.93 35.82 15.67
C VAL B 119 -27.02 36.39 16.56
N ASP B 120 -27.74 37.40 16.05
CA ASP B 120 -28.82 38.03 16.80
C ASP B 120 -30.12 37.43 16.24
N LEU B 121 -30.74 36.53 17.00
CA LEU B 121 -31.91 35.79 16.51
C LEU B 121 -33.11 36.68 16.25
N SER B 122 -33.13 37.90 16.80
CA SER B 122 -34.24 38.81 16.56
C SER B 122 -34.26 39.36 15.14
N LEU B 123 -33.19 39.19 14.38
CA LEU B 123 -33.14 39.63 12.99
C LEU B 123 -33.69 38.62 12.00
N TYR B 124 -34.13 37.45 12.48
CA TYR B 124 -34.53 36.35 11.61
C TYR B 124 -35.91 35.80 11.95
N VAL B 130 -38.94 26.63 12.60
CA VAL B 130 -38.29 26.54 11.31
C VAL B 130 -37.22 27.60 11.17
N SER B 131 -35.97 27.16 11.06
CA SER B 131 -34.88 28.08 10.78
C SER B 131 -34.91 28.45 9.31
N SER B 132 -34.84 29.75 9.03
CA SER B 132 -34.77 30.21 7.65
C SER B 132 -33.43 29.82 7.06
N ARG B 133 -33.37 29.77 5.72
CA ARG B 133 -32.09 29.54 5.07
C ARG B 133 -31.09 30.63 5.42
N GLU B 134 -31.55 31.88 5.49
CA GLU B 134 -30.64 32.97 5.78
C GLU B 134 -30.04 32.82 7.18
N LEU B 135 -30.85 32.33 8.13
CA LEU B 135 -30.32 32.08 9.47
C LEU B 135 -29.26 30.99 9.44
N VAL B 136 -29.53 29.90 8.72
CA VAL B 136 -28.57 28.80 8.66
C VAL B 136 -27.28 29.28 8.01
N LYS B 137 -27.40 30.06 6.92
CA LYS B 137 -26.19 30.59 6.29
C LYS B 137 -25.43 31.53 7.21
N LYS B 138 -26.15 32.29 8.04
CA LYS B 138 -25.49 33.22 8.96
C LYS B 138 -24.66 32.47 10.00
N VAL B 139 -25.25 31.43 10.61
CA VAL B 139 -24.50 30.61 11.56
C VAL B 139 -23.32 29.95 10.85
N SER B 140 -23.57 29.39 9.67
CA SER B 140 -22.51 28.83 8.85
C SER B 140 -21.37 29.84 8.65
N ASP B 141 -21.72 31.09 8.31
CA ASP B 141 -20.72 32.11 8.06
C ASP B 141 -19.87 32.41 9.29
N VAL B 142 -20.49 32.43 10.47
CA VAL B 142 -19.74 32.68 11.70
C VAL B 142 -18.65 31.64 11.88
N ILE B 143 -19.01 30.36 11.70
CA ILE B 143 -18.02 29.29 11.81
C ILE B 143 -16.94 29.46 10.75
N TRP B 144 -17.37 29.61 9.50
CA TRP B 144 -16.45 29.65 8.36
C TRP B 144 -15.45 30.77 8.50
N ASN B 145 -15.92 31.98 8.82
CA ASN B 145 -15.05 33.14 8.89
C ASN B 145 -14.19 33.17 10.14
N SER B 146 -14.41 32.27 11.08
CA SER B 146 -13.59 32.18 12.27
C SER B 146 -12.37 31.30 12.07
N LEU B 147 -12.37 30.47 11.04
CA LEU B 147 -11.27 29.55 10.77
C LEU B 147 -10.03 30.30 10.32
N SER B 148 -8.85 29.77 10.68
CA SER B 148 -7.60 30.29 10.15
C SER B 148 -7.64 30.33 8.63
N ARG B 149 -6.95 31.33 8.07
CA ARG B 149 -7.03 31.54 6.63
C ARG B 149 -6.20 30.54 5.84
N SER B 150 -5.24 29.87 6.47
CA SER B 150 -4.37 28.94 5.76
C SER B 150 -3.94 27.80 6.69
N TYR B 151 -4.40 26.58 6.38
CA TYR B 151 -3.93 25.39 7.05
C TYR B 151 -4.30 24.19 6.19
N PHE B 152 -3.66 23.06 6.49
CA PHE B 152 -3.89 21.81 5.79
C PHE B 152 -5.16 21.17 6.35
N LYS B 153 -6.24 21.19 5.56
CA LYS B 153 -7.54 20.77 6.08
C LYS B 153 -7.70 19.25 6.18
N ASP B 154 -6.73 18.47 5.72
CA ASP B 154 -6.76 17.02 5.93
C ASP B 154 -5.86 16.59 7.07
N ARG B 155 -5.41 17.53 7.89
CA ARG B 155 -4.63 17.22 9.08
C ARG B 155 -5.42 16.32 10.02
N ALA B 156 -4.70 15.54 10.82
CA ALA B 156 -5.34 14.76 11.87
C ALA B 156 -5.69 15.65 13.07
N HIS B 157 -6.71 15.23 13.83
CA HIS B 157 -7.04 15.83 15.13
C HIS B 157 -7.54 17.27 15.03
N ILE B 158 -8.16 17.64 13.91
CA ILE B 158 -8.80 18.95 13.83
C ILE B 158 -10.28 18.77 13.52
N GLN B 159 -10.92 17.79 14.17
CA GLN B 159 -12.31 17.46 13.87
C GLN B 159 -13.31 18.04 14.88
N SER B 160 -12.85 18.41 16.07
CA SER B 160 -13.70 18.67 17.22
C SER B 160 -13.80 20.16 17.51
N LEU B 161 -14.77 20.50 18.35
CA LEU B 161 -14.89 21.89 18.78
C LEU B 161 -13.70 22.31 19.64
N PHE B 162 -12.98 21.37 20.26
CA PHE B 162 -11.73 21.73 20.93
C PHE B 162 -10.73 22.31 19.93
N SER B 163 -10.61 21.67 18.76
CA SER B 163 -9.73 22.20 17.73
C SER B 163 -10.26 23.52 17.17
N PHE B 164 -11.59 23.67 17.06
CA PHE B 164 -12.14 24.93 16.60
C PHE B 164 -11.82 26.06 17.58
N ILE B 165 -12.04 25.82 18.87
CA ILE B 165 -11.90 26.87 19.88
C ILE B 165 -10.43 27.22 20.09
N THR B 166 -9.57 26.20 20.24
CA THR B 166 -8.19 26.48 20.61
C THR B 166 -7.25 26.61 19.42
N GLY B 167 -7.64 26.13 18.24
CA GLY B 167 -6.77 26.19 17.08
C GLY B 167 -7.36 26.85 15.86
N THR B 168 -8.61 27.32 15.96
CA THR B 168 -9.37 27.86 14.83
C THR B 168 -9.14 27.06 13.54
N LYS B 169 -9.05 25.73 13.67
CA LYS B 169 -8.89 24.82 12.53
C LYS B 169 -9.95 23.72 12.59
N LEU B 170 -10.54 23.42 11.43
CA LEU B 170 -11.47 22.29 11.32
C LEU B 170 -11.28 21.60 9.98
N ASP B 171 -11.38 20.27 9.98
CA ASP B 171 -11.45 19.57 8.70
C ASP B 171 -12.84 19.76 8.08
N SER B 172 -13.02 19.23 6.87
CA SER B 172 -14.18 19.61 6.07
C SER B 172 -15.49 19.25 6.78
N SER B 173 -15.66 17.97 7.17
CA SER B 173 -16.87 17.60 7.90
C SER B 173 -16.91 18.20 9.31
N GLY B 174 -15.75 18.53 9.89
CA GLY B 174 -15.75 19.21 11.18
C GLY B 174 -16.42 20.57 11.14
N VAL B 175 -16.31 21.27 10.00
CA VAL B 175 -17.02 22.54 9.82
C VAL B 175 -18.53 22.31 9.90
N ALA B 176 -19.02 21.32 9.17
CA ALA B 176 -20.45 21.03 9.19
C ALA B 176 -20.93 20.68 10.59
N PHE B 177 -20.17 19.83 11.30
CA PHE B 177 -20.55 19.49 12.67
C PHE B 177 -20.56 20.74 13.56
N ALA B 178 -19.57 21.62 13.40
CA ALA B 178 -19.54 22.83 14.21
C ALA B 178 -20.73 23.74 13.92
N VAL B 179 -21.16 23.83 12.67
CA VAL B 179 -22.36 24.61 12.35
C VAL B 179 -23.57 24.03 13.08
N VAL B 180 -23.69 22.70 13.14
CA VAL B 180 -24.84 22.10 13.79
C VAL B 180 -24.76 22.33 15.30
N GLY B 181 -23.57 22.20 15.88
CA GLY B 181 -23.39 22.49 17.29
C GLY B 181 -23.70 23.93 17.64
N ALA B 182 -23.28 24.85 16.79
CA ALA B 182 -23.62 26.25 16.98
C ALA B 182 -25.12 26.47 16.89
N CYS B 183 -25.78 25.82 15.93
CA CYS B 183 -27.23 25.95 15.82
C CYS B 183 -27.92 25.41 17.07
N GLN B 184 -27.45 24.29 17.61
CA GLN B 184 -28.04 23.79 18.86
C GLN B 184 -27.83 24.79 19.99
N ALA B 185 -26.63 25.37 20.09
CA ALA B 185 -26.36 26.34 21.13
C ALA B 185 -27.28 27.55 21.03
N LEU B 186 -27.75 27.88 19.83
CA LEU B 186 -28.73 28.94 19.62
C LEU B 186 -30.17 28.46 19.77
N GLY B 187 -30.38 27.18 20.02
CA GLY B 187 -31.72 26.64 20.15
C GLY B 187 -32.43 26.38 18.85
N LEU B 188 -31.68 26.17 17.76
CA LEU B 188 -32.30 25.91 16.46
C LEU B 188 -32.42 24.40 16.31
N ARG B 189 -33.49 23.85 16.90
CA ARG B 189 -33.63 22.39 17.03
C ARG B 189 -33.84 21.68 15.70
N ASP B 190 -34.18 22.39 14.63
CA ASP B 190 -34.45 21.75 13.35
C ASP B 190 -33.21 21.60 12.46
N VAL B 191 -32.07 22.16 12.84
CA VAL B 191 -30.87 22.08 12.01
C VAL B 191 -30.09 20.84 12.39
N HIS B 192 -29.81 19.99 11.41
CA HIS B 192 -29.18 18.71 11.67
C HIS B 192 -28.08 18.42 10.67
N LEU B 193 -27.22 17.50 11.05
CA LEU B 193 -26.10 17.10 10.23
C LEU B 193 -26.58 16.13 9.15
N ALA B 194 -26.21 16.40 7.91
CA ALA B 194 -26.41 15.47 6.81
C ALA B 194 -25.05 14.92 6.41
N LEU B 195 -24.98 13.61 6.22
CA LEU B 195 -23.69 12.96 6.00
C LEU B 195 -23.85 11.96 4.87
N SER B 196 -23.00 12.07 3.83
CA SER B 196 -22.86 10.95 2.90
C SER B 196 -21.70 10.07 3.35
N GLU B 197 -21.10 9.32 2.44
CA GLU B 197 -19.93 8.54 2.80
C GLU B 197 -18.63 9.34 2.70
N ASP B 198 -18.67 10.55 2.13
CA ASP B 198 -17.46 11.36 2.09
C ASP B 198 -17.70 12.86 2.21
N HIS B 199 -18.95 13.33 2.41
CA HIS B 199 -19.22 14.77 2.46
C HIS B 199 -20.28 15.03 3.53
N ALA B 200 -20.34 16.28 4.00
CA ALA B 200 -21.28 16.66 5.05
C ALA B 200 -21.90 18.02 4.72
N TRP B 201 -23.15 18.19 5.14
CA TRP B 201 -23.85 19.47 5.01
C TRP B 201 -24.91 19.51 6.10
N VAL B 202 -25.86 20.45 5.98
CA VAL B 202 -26.93 20.52 6.97
C VAL B 202 -28.29 20.37 6.31
N VAL B 203 -29.20 19.78 7.05
CA VAL B 203 -30.61 19.72 6.68
C VAL B 203 -31.38 20.50 7.75
N PHE B 204 -32.52 21.05 7.34
CA PHE B 204 -33.30 21.88 8.25
C PHE B 204 -34.69 22.04 7.66
N GLY B 205 -35.50 22.90 8.27
CA GLY B 205 -36.83 23.18 7.78
C GLY B 205 -37.86 22.24 8.36
N PRO B 206 -39.12 22.48 8.00
CA PRO B 206 -40.24 21.84 8.72
C PRO B 206 -40.16 20.32 8.75
N ASN B 207 -39.79 19.67 7.64
CA ASN B 207 -39.64 18.22 7.62
C ASN B 207 -38.19 17.79 7.35
N GLY B 208 -37.23 18.64 7.66
CA GLY B 208 -35.85 18.32 7.34
C GLY B 208 -35.59 18.18 5.85
N GLU B 209 -36.40 18.82 5.01
CA GLU B 209 -36.28 18.65 3.57
C GLU B 209 -35.50 19.77 2.90
N GLN B 210 -35.10 20.80 3.63
CA GLN B 210 -34.22 21.83 3.11
C GLN B 210 -32.77 21.44 3.36
N THR B 211 -31.89 21.77 2.41
CA THR B 211 -30.47 21.47 2.51
C THR B 211 -29.65 22.72 2.21
N ALA B 212 -28.50 22.81 2.87
CA ALA B 212 -27.56 23.90 2.62
C ALA B 212 -26.14 23.38 2.78
N GLU B 213 -25.32 23.61 1.76
CA GLU B 213 -23.88 23.41 1.86
C GLU B 213 -23.29 24.42 2.83
N VAL B 214 -22.36 23.95 3.68
CA VAL B 214 -21.75 24.79 4.71
C VAL B 214 -20.23 24.61 4.74
N THR B 215 -19.68 23.68 3.98
CA THR B 215 -18.23 23.43 4.03
C THR B 215 -17.70 23.12 2.63
N TRP B 216 -16.39 22.87 2.53
CA TRP B 216 -15.81 22.45 1.27
C TRP B 216 -16.40 21.10 0.85
N HIS B 217 -16.38 20.84 -0.45
CA HIS B 217 -16.84 19.53 -0.92
C HIS B 217 -15.72 18.61 -1.36
N GLY B 218 -14.55 19.14 -1.70
CA GLY B 218 -13.47 18.29 -2.14
C GLY B 218 -12.17 18.51 -1.40
N LYS B 219 -11.08 17.97 -1.95
CA LYS B 219 -9.77 18.10 -1.34
C LYS B 219 -9.15 19.47 -1.61
N GLY B 220 -9.69 20.23 -2.56
CA GLY B 220 -9.26 21.59 -2.81
C GLY B 220 -10.01 22.58 -1.96
N ASN B 221 -10.05 23.83 -2.43
CA ASN B 221 -10.62 24.91 -1.66
C ASN B 221 -11.93 25.43 -2.26
N GLU B 222 -12.52 24.69 -3.20
CA GLU B 222 -13.79 25.07 -3.78
C GLU B 222 -14.92 24.82 -2.77
N ASP B 223 -15.99 25.60 -2.91
CA ASP B 223 -17.16 25.37 -2.07
C ASP B 223 -18.41 25.85 -2.80
N ARG B 224 -19.53 25.23 -2.45
CA ARG B 224 -20.85 25.62 -2.94
C ARG B 224 -21.71 26.13 -1.79
N ARG B 225 -21.07 26.74 -0.78
CA ARG B 225 -21.76 27.11 0.45
C ARG B 225 -22.98 27.99 0.18
N GLY B 226 -24.07 27.70 0.89
CA GLY B 226 -25.34 28.36 0.68
C GLY B 226 -26.28 27.66 -0.29
N GLN B 227 -25.75 26.83 -1.18
CA GLN B 227 -26.60 26.14 -2.15
C GLN B 227 -27.22 24.89 -1.55
N THR B 228 -28.26 24.39 -2.21
CA THR B 228 -28.82 23.09 -1.86
C THR B 228 -27.89 21.97 -2.35
N VAL B 229 -28.28 20.73 -2.07
CA VAL B 229 -27.57 19.57 -2.60
C VAL B 229 -28.34 18.93 -3.76
N ASN B 230 -29.40 19.56 -4.24
CA ASN B 230 -30.29 18.91 -5.21
C ASN B 230 -29.57 18.54 -6.50
N ALA B 231 -28.62 19.37 -6.93
CA ALA B 231 -27.89 19.07 -8.16
C ALA B 231 -27.07 17.79 -8.02
N GLY B 232 -26.32 17.68 -6.92
CA GLY B 232 -25.51 16.50 -6.71
C GLY B 232 -26.32 15.24 -6.56
N VAL B 233 -27.48 15.34 -5.89
CA VAL B 233 -28.40 14.21 -5.84
C VAL B 233 -28.84 13.82 -7.24
N ALA B 234 -29.34 14.79 -8.01
CA ALA B 234 -29.89 14.48 -9.32
C ALA B 234 -28.81 13.98 -10.30
N GLU B 235 -27.59 14.48 -10.20
CA GLU B 235 -26.51 14.05 -11.09
C GLU B 235 -25.90 12.71 -10.70
N ARG B 236 -26.37 12.09 -9.61
CA ARG B 236 -25.92 10.75 -9.22
C ARG B 236 -24.42 10.73 -8.93
N SER B 237 -23.92 11.82 -8.34
N SER B 237 -23.95 11.82 -8.31
CA SER B 237 -22.57 11.83 -7.80
CA SER B 237 -22.58 11.86 -7.78
C SER B 237 -22.55 11.08 -6.47
C SER B 237 -22.54 11.11 -6.45
N TRP B 238 -21.54 10.24 -6.30
CA TRP B 238 -21.44 9.41 -5.09
C TRP B 238 -21.40 10.27 -3.81
N LEU B 239 -20.85 11.49 -3.89
CA LEU B 239 -20.83 12.38 -2.72
C LEU B 239 -22.21 12.67 -2.16
N TYR B 240 -23.26 12.52 -2.94
CA TYR B 240 -24.62 12.80 -2.46
C TYR B 240 -25.51 11.56 -2.42
N LEU B 241 -24.96 10.38 -2.77
CA LEU B 241 -25.62 9.08 -2.58
C LEU B 241 -27.04 9.01 -3.15
N LYS B 242 -27.25 9.69 -4.28
CA LYS B 242 -28.57 9.75 -4.94
C LYS B 242 -29.69 10.09 -3.96
N GLY B 243 -29.37 10.88 -2.93
CA GLY B 243 -30.34 11.24 -1.91
C GLY B 243 -30.49 10.24 -0.78
N SER B 244 -29.80 9.11 -0.83
CA SER B 244 -29.87 8.14 0.27
C SER B 244 -28.74 8.38 1.28
N TYR B 245 -28.61 9.62 1.70
CA TYR B 245 -27.63 9.99 2.71
C TYR B 245 -28.27 10.01 4.08
N MET B 246 -27.42 10.08 5.10
N MET B 246 -27.45 10.15 5.11
CA MET B 246 -27.88 10.07 6.48
CA MET B 246 -27.91 10.01 6.47
C MET B 246 -28.37 11.46 6.89
C MET B 246 -28.31 11.37 7.04
N ARG B 247 -29.60 11.51 7.39
CA ARG B 247 -30.13 12.72 8.02
C ARG B 247 -30.15 12.45 9.51
N CYS B 248 -29.28 13.13 10.26
CA CYS B 248 -29.07 12.75 11.66
C CYS B 248 -30.12 13.39 12.56
N ASP B 249 -30.48 12.68 13.62
CA ASP B 249 -31.05 13.32 14.80
C ASP B 249 -29.89 13.62 15.76
N ARG B 250 -30.18 14.24 16.91
CA ARG B 250 -29.12 14.65 17.83
C ARG B 250 -28.29 13.47 18.33
N LYS B 251 -28.91 12.32 18.56
CA LYS B 251 -28.16 11.18 19.05
C LYS B 251 -27.24 10.64 17.97
N MET B 252 -27.67 10.70 16.72
CA MET B 252 -26.86 10.31 15.59
C MET B 252 -25.69 11.27 15.41
N GLU B 253 -25.89 12.55 15.75
CA GLU B 253 -24.78 13.50 15.75
C GLU B 253 -23.77 13.20 16.86
N VAL B 254 -24.23 12.64 17.99
CA VAL B 254 -23.28 12.13 18.98
C VAL B 254 -22.51 10.95 18.42
N ALA B 255 -23.21 10.04 17.74
CA ALA B 255 -22.50 8.92 17.11
C ALA B 255 -21.44 9.41 16.13
N PHE B 256 -21.73 10.47 15.38
CA PHE B 256 -20.76 10.99 14.43
C PHE B 256 -19.48 11.43 15.15
N MET B 257 -19.63 12.22 16.20
CA MET B 257 -18.43 12.73 16.88
C MET B 257 -17.61 11.59 17.48
N VAL B 258 -18.26 10.47 17.84
CA VAL B 258 -17.54 9.31 18.36
C VAL B 258 -16.78 8.60 17.25
N CYS B 259 -17.42 8.40 16.09
CA CYS B 259 -16.69 7.93 14.92
C CYS B 259 -15.54 8.86 14.57
N ALA B 260 -15.73 10.16 14.82
CA ALA B 260 -14.73 11.17 14.48
C ALA B 260 -13.50 11.11 15.38
N ILE B 261 -13.56 10.40 16.51
CA ILE B 261 -12.36 10.22 17.34
C ILE B 261 -11.26 9.63 16.46
N ASN B 262 -10.06 10.18 16.58
CA ASN B 262 -8.91 9.72 15.80
C ASN B 262 -7.81 9.27 16.75
N PRO B 263 -7.65 7.96 16.95
CA PRO B 263 -6.68 7.46 17.94
C PRO B 263 -5.23 7.51 17.49
N SER B 264 -4.95 7.88 16.24
CA SER B 264 -3.58 7.85 15.72
C SER B 264 -2.68 8.80 16.49
N ILE B 265 -1.64 8.26 17.11
CA ILE B 265 -0.58 9.06 17.72
C ILE B 265 0.49 9.42 16.70
N ASP B 266 1.00 8.43 15.99
CA ASP B 266 1.92 8.67 14.89
C ASP B 266 1.58 7.64 13.81
N LEU B 267 2.51 7.45 12.87
CA LEU B 267 2.25 6.59 11.71
C LEU B 267 1.89 5.17 12.13
N HIS B 268 2.67 4.59 13.04
CA HIS B 268 2.53 3.18 13.41
C HIS B 268 1.90 2.96 14.79
N THR B 269 1.43 3.99 15.47
CA THR B 269 0.96 3.82 16.85
C THR B 269 -0.38 4.49 17.04
N ASP B 270 -1.36 3.73 17.52
CA ASP B 270 -2.63 4.26 17.97
C ASP B 270 -2.67 4.30 19.50
N SER B 271 -3.37 5.29 20.02
CA SER B 271 -3.61 5.35 21.46
C SER B 271 -4.58 4.25 21.86
N LEU B 272 -4.13 3.33 22.71
CA LEU B 272 -5.04 2.34 23.27
C LEU B 272 -6.19 3.01 24.03
N GLU B 273 -5.91 4.13 24.69
CA GLU B 273 -6.95 4.82 25.46
C GLU B 273 -8.07 5.30 24.55
N LEU B 274 -7.70 5.95 23.45
CA LEU B 274 -8.71 6.50 22.54
C LEU B 274 -9.45 5.39 21.81
N LEU B 275 -8.76 4.30 21.48
CA LEU B 275 -9.44 3.15 20.89
C LEU B 275 -10.48 2.60 21.86
N GLN B 276 -10.12 2.44 23.13
CA GLN B 276 -11.07 1.87 24.09
C GLN B 276 -12.22 2.84 24.36
N LEU B 277 -11.92 4.14 24.42
CA LEU B 277 -12.99 5.13 24.61
C LEU B 277 -13.97 5.09 23.45
N GLN B 278 -13.46 5.13 22.22
CA GLN B 278 -14.35 5.05 21.05
C GLN B 278 -15.16 3.75 21.06
N GLN B 279 -14.52 2.62 21.39
CA GLN B 279 -15.20 1.33 21.39
C GLN B 279 -16.32 1.28 22.43
N LYS B 280 -16.05 1.75 23.65
CA LYS B 280 -17.09 1.77 24.67
C LYS B 280 -18.21 2.74 24.32
N LEU B 281 -17.86 3.88 23.74
CA LEU B 281 -18.89 4.85 23.36
C LEU B 281 -19.78 4.30 22.24
N LEU B 282 -19.18 3.60 21.28
CA LEU B 282 -19.98 3.00 20.20
C LEU B 282 -20.92 1.91 20.72
N TRP B 283 -20.45 1.09 21.67
CA TRP B 283 -21.36 0.09 22.25
C TRP B 283 -22.49 0.76 23.01
N LEU B 284 -22.18 1.82 23.77
CA LEU B 284 -23.22 2.61 24.43
C LEU B 284 -24.27 3.06 23.42
N LEU B 285 -23.81 3.65 22.31
CA LEU B 285 -24.75 4.10 21.27
C LEU B 285 -25.49 2.94 20.63
N TYR B 286 -24.77 1.84 20.38
CA TYR B 286 -25.37 0.65 19.82
C TYR B 286 -26.55 0.17 20.68
N ASP B 287 -26.31 0.02 21.98
CA ASP B 287 -27.34 -0.48 22.88
C ASP B 287 -28.55 0.44 22.94
N LEU B 288 -28.35 1.75 22.73
CA LEU B 288 -29.47 2.68 22.73
C LEU B 288 -30.17 2.76 21.39
N GLY B 289 -29.70 2.03 20.37
CA GLY B 289 -30.32 2.04 19.06
C GLY B 289 -29.81 3.10 18.10
N HIS B 290 -28.74 3.80 18.42
CA HIS B 290 -28.36 4.98 17.64
C HIS B 290 -27.37 4.68 16.53
N LEU B 291 -26.98 3.42 16.36
CA LEU B 291 -26.20 3.02 15.20
C LEU B 291 -27.04 2.26 14.17
N GLU B 292 -28.34 2.05 14.42
CA GLU B 292 -29.17 1.25 13.52
C GLU B 292 -29.16 1.80 12.10
N ARG B 293 -29.13 3.12 11.95
CA ARG B 293 -29.12 3.76 10.65
C ARG B 293 -27.77 4.36 10.29
N TYR B 294 -26.69 3.79 10.82
CA TYR B 294 -25.33 4.32 10.64
C TYR B 294 -24.39 3.20 10.24
N PRO B 295 -24.47 2.72 8.98
CA PRO B 295 -23.60 1.62 8.54
C PRO B 295 -22.11 1.82 8.79
N MET B 296 -21.58 3.02 8.54
CA MET B 296 -20.14 3.19 8.75
C MET B 296 -19.77 3.08 10.22
N ALA B 297 -20.62 3.54 11.12
CA ALA B 297 -20.35 3.37 12.55
C ALA B 297 -20.34 1.89 12.94
N LEU B 298 -21.22 1.10 12.33
CA LEU B 298 -21.23 -0.34 12.57
C LEU B 298 -19.97 -1.00 12.05
N GLY B 299 -19.46 -0.54 10.91
CA GLY B 299 -18.19 -1.08 10.41
C GLY B 299 -17.01 -0.67 11.26
N ASN B 300 -17.01 0.59 11.72
CA ASN B 300 -16.02 1.06 12.69
C ASN B 300 -15.98 0.17 13.93
N LEU B 301 -17.16 -0.11 14.49
CA LEU B 301 -17.25 -0.94 15.68
C LEU B 301 -16.74 -2.35 15.41
N ALA B 302 -17.10 -2.92 14.25
CA ALA B 302 -16.59 -4.25 13.90
C ALA B 302 -15.06 -4.23 13.77
N ASP B 303 -14.50 -3.19 13.15
CA ASP B 303 -13.05 -3.07 13.06
C ASP B 303 -12.41 -3.06 14.45
N LEU B 304 -13.03 -2.37 15.40
CA LEU B 304 -12.51 -2.34 16.76
C LEU B 304 -12.60 -3.71 17.41
N GLU B 305 -13.75 -4.38 17.28
CA GLU B 305 -13.92 -5.70 17.87
C GLU B 305 -12.94 -6.71 17.29
N GLU B 306 -12.54 -6.51 16.04
CA GLU B 306 -11.55 -7.40 15.44
C GLU B 306 -10.20 -7.25 16.13
N LEU B 307 -9.84 -6.01 16.53
CA LEU B 307 -8.58 -5.80 17.25
C LEU B 307 -8.67 -6.28 18.69
N GLU B 308 -9.78 -5.96 19.38
CA GLU B 308 -9.95 -6.29 20.79
C GLU B 308 -11.40 -6.67 21.02
N PRO B 309 -11.72 -7.95 20.94
CA PRO B 309 -13.12 -8.37 21.11
C PRO B 309 -13.60 -8.13 22.53
N THR B 310 -14.87 -7.75 22.63
CA THR B 310 -15.51 -7.50 23.92
C THR B 310 -16.30 -8.73 24.31
N PRO B 311 -16.07 -9.31 25.48
CA PRO B 311 -16.82 -10.52 25.86
C PRO B 311 -18.33 -10.26 25.84
N GLY B 312 -19.06 -11.23 25.31
CA GLY B 312 -20.51 -11.15 25.22
C GLY B 312 -21.05 -10.41 24.02
N ARG B 313 -20.19 -9.76 23.23
CA ARG B 313 -20.67 -8.93 22.13
C ARG B 313 -20.62 -9.70 20.81
N PRO B 314 -21.39 -9.25 19.81
CA PRO B 314 -21.37 -9.92 18.50
C PRO B 314 -19.98 -9.93 17.87
N ASP B 315 -19.74 -10.96 17.06
CA ASP B 315 -18.50 -11.04 16.29
C ASP B 315 -18.43 -9.94 15.24
N PRO B 316 -17.21 -9.59 14.81
CA PRO B 316 -17.06 -8.58 13.75
C PRO B 316 -17.86 -8.89 12.50
N LEU B 317 -17.94 -10.16 12.09
CA LEU B 317 -18.68 -10.50 10.89
C LEU B 317 -20.16 -10.19 11.03
N THR B 318 -20.74 -10.47 12.19
CA THR B 318 -22.13 -10.11 12.44
C THR B 318 -22.34 -8.62 12.28
N LEU B 319 -21.40 -7.81 12.76
CA LEU B 319 -21.54 -6.37 12.70
C LEU B 319 -21.39 -5.86 11.27
N TYR B 320 -20.43 -6.41 10.52
CA TYR B 320 -20.31 -6.04 9.11
C TYR B 320 -21.59 -6.33 8.35
N HIS B 321 -22.18 -7.50 8.59
CA HIS B 321 -23.43 -7.80 7.90
C HIS B 321 -24.56 -6.92 8.41
N LYS B 322 -24.49 -6.47 9.67
CA LYS B 322 -25.54 -5.58 10.13
C LYS B 322 -25.41 -4.20 9.49
N GLY B 323 -24.17 -3.78 9.20
CA GLY B 323 -23.98 -2.56 8.42
C GLY B 323 -24.57 -2.66 7.02
N ILE B 324 -24.40 -3.82 6.37
CA ILE B 324 -25.00 -4.05 5.07
C ILE B 324 -26.52 -4.05 5.16
N ALA B 325 -27.06 -4.75 6.16
CA ALA B 325 -28.51 -4.77 6.35
C ALA B 325 -29.05 -3.37 6.61
N SER B 326 -28.31 -2.56 7.37
CA SER B 326 -28.72 -1.18 7.61
C SER B 326 -28.82 -0.41 6.29
N ALA B 327 -27.79 -0.53 5.44
CA ALA B 327 -27.81 0.15 4.15
C ALA B 327 -28.96 -0.34 3.27
N LYS B 328 -29.22 -1.66 3.25
CA LYS B 328 -30.35 -2.17 2.47
C LYS B 328 -31.71 -1.75 3.06
N THR B 329 -31.76 -1.49 4.37
CA THR B 329 -33.03 -1.16 5.02
C THR B 329 -33.39 0.32 4.90
N TYR B 330 -32.40 1.20 5.11
CA TYR B 330 -32.64 2.63 5.26
C TYR B 330 -32.13 3.47 4.10
N TYR B 331 -31.28 2.92 3.25
CA TYR B 331 -30.61 3.75 2.26
C TYR B 331 -30.62 3.10 0.87
N ARG B 332 -31.66 2.30 0.58
CA ARG B 332 -31.90 1.77 -0.76
C ARG B 332 -30.74 0.92 -1.27
N ASP B 333 -29.89 0.41 -0.38
CA ASP B 333 -28.71 -0.35 -0.79
C ASP B 333 -27.82 0.47 -1.72
N GLU B 334 -27.75 1.79 -1.51
CA GLU B 334 -27.01 2.68 -2.37
C GLU B 334 -25.69 3.16 -1.75
N HIS B 335 -25.23 2.50 -0.68
CA HIS B 335 -23.96 2.79 -0.04
C HIS B 335 -22.88 1.81 -0.51
N ILE B 336 -21.65 2.33 -0.60
CA ILE B 336 -20.49 1.58 -1.08
C ILE B 336 -19.73 0.90 0.05
N TYR B 337 -19.47 1.62 1.14
CA TYR B 337 -18.55 1.15 2.17
C TYR B 337 -19.01 -0.10 2.92
N PRO B 338 -20.31 -0.36 3.16
CA PRO B 338 -20.67 -1.60 3.87
C PRO B 338 -20.10 -2.85 3.23
N TYR B 339 -20.13 -2.94 1.89
CA TYR B 339 -19.50 -4.07 1.21
C TYR B 339 -17.97 -3.99 1.25
N MET B 340 -17.41 -2.78 1.21
N MET B 340 -17.43 -2.77 1.20
CA MET B 340 -15.96 -2.64 1.31
CA MET B 340 -15.97 -2.60 1.32
C MET B 340 -15.44 -3.08 2.68
C MET B 340 -15.47 -3.10 2.67
N TYR B 341 -16.19 -2.76 3.75
CA TYR B 341 -15.81 -3.24 5.08
C TYR B 341 -15.75 -4.76 5.11
N LEU B 342 -16.81 -5.40 4.60
CA LEU B 342 -16.88 -6.86 4.60
C LEU B 342 -15.78 -7.47 3.73
N ALA B 343 -15.55 -6.88 2.55
CA ALA B 343 -14.48 -7.38 1.69
C ALA B 343 -13.14 -7.34 2.39
N GLY B 344 -12.88 -6.25 3.13
CA GLY B 344 -11.62 -6.13 3.85
C GLY B 344 -11.46 -7.20 4.91
N TYR B 345 -12.53 -7.52 5.64
CA TYR B 345 -12.45 -8.58 6.64
C TYR B 345 -12.11 -9.91 5.98
N HIS B 346 -12.79 -10.24 4.87
CA HIS B 346 -12.51 -11.48 4.16
C HIS B 346 -11.10 -11.47 3.58
N CYS B 347 -10.67 -10.31 3.05
CA CYS B 347 -9.32 -10.22 2.51
C CYS B 347 -8.27 -10.50 3.59
N ARG B 348 -8.49 -9.98 4.80
CA ARG B 348 -7.54 -10.21 5.89
C ARG B 348 -7.48 -11.68 6.29
N ASN B 349 -8.59 -12.41 6.16
CA ASN B 349 -8.58 -13.84 6.42
C ASN B 349 -8.27 -14.67 5.19
N ARG B 350 -7.88 -14.03 4.09
CA ARG B 350 -7.47 -14.70 2.85
C ARG B 350 -8.60 -15.54 2.24
N ASN B 351 -9.87 -15.17 2.47
CA ASN B 351 -10.98 -15.86 1.82
C ASN B 351 -11.23 -15.17 0.49
N VAL B 352 -10.56 -15.68 -0.56
CA VAL B 352 -10.57 -15.00 -1.84
C VAL B 352 -11.98 -14.93 -2.41
N ARG B 353 -12.71 -16.04 -2.37
CA ARG B 353 -14.06 -16.09 -2.91
C ARG B 353 -14.96 -15.04 -2.24
N GLU B 354 -14.97 -14.99 -0.91
CA GLU B 354 -15.88 -14.08 -0.24
C GLU B 354 -15.44 -12.62 -0.37
N ALA B 355 -14.13 -12.37 -0.43
CA ALA B 355 -13.69 -11.01 -0.73
C ALA B 355 -14.12 -10.59 -2.13
N LEU B 356 -13.96 -11.47 -3.13
CA LEU B 356 -14.38 -11.10 -4.49
C LEU B 356 -15.89 -10.92 -4.58
N GLN B 357 -16.67 -11.73 -3.86
CA GLN B 357 -18.11 -11.55 -3.84
C GLN B 357 -18.49 -10.17 -3.29
N ALA B 358 -17.83 -9.75 -2.20
CA ALA B 358 -18.16 -8.46 -1.61
C ALA B 358 -17.73 -7.29 -2.52
N TRP B 359 -16.59 -7.42 -3.21
CA TRP B 359 -16.21 -6.37 -4.16
C TRP B 359 -17.14 -6.33 -5.37
N ALA B 360 -17.59 -7.49 -5.84
CA ALA B 360 -18.63 -7.52 -6.88
C ALA B 360 -19.88 -6.80 -6.39
N ASP B 361 -20.31 -7.06 -5.15
CA ASP B 361 -21.46 -6.34 -4.62
C ASP B 361 -21.21 -4.85 -4.56
N THR B 362 -19.99 -4.45 -4.17
CA THR B 362 -19.65 -3.03 -4.16
C THR B 362 -19.85 -2.41 -5.53
N ALA B 363 -19.42 -3.12 -6.57
CA ALA B 363 -19.51 -2.61 -7.94
C ALA B 363 -20.95 -2.53 -8.44
N THR B 364 -21.81 -3.46 -8.03
CA THR B 364 -23.21 -3.33 -8.44
C THR B 364 -23.89 -2.12 -7.80
N VAL B 365 -23.31 -1.52 -6.77
CA VAL B 365 -23.83 -0.25 -6.25
C VAL B 365 -23.25 0.93 -7.03
N ILE B 366 -21.94 0.93 -7.26
CA ILE B 366 -21.33 2.07 -7.95
C ILE B 366 -21.76 2.14 -9.41
N GLN B 367 -22.24 1.04 -9.99
CA GLN B 367 -22.62 1.04 -11.41
C GLN B 367 -23.69 2.08 -11.73
N ASP B 368 -24.59 2.37 -10.79
CA ASP B 368 -25.67 3.34 -11.00
C ASP B 368 -25.31 4.76 -10.53
N TYR B 369 -24.03 5.05 -10.35
CA TYR B 369 -23.55 6.41 -10.10
C TYR B 369 -22.85 6.92 -11.35
N ASN B 370 -22.63 8.24 -11.38
CA ASN B 370 -21.93 8.94 -12.45
C ASN B 370 -20.62 9.49 -11.90
N TYR B 371 -19.50 8.95 -12.37
CA TYR B 371 -18.21 9.39 -11.87
C TYR B 371 -18.00 10.87 -12.17
N CYS B 372 -17.46 11.60 -11.20
CA CYS B 372 -17.06 12.98 -11.44
C CYS B 372 -15.78 13.24 -10.64
N ARG B 373 -15.15 14.38 -10.89
CA ARG B 373 -13.84 14.58 -10.27
C ARG B 373 -13.90 14.70 -8.74
N GLU B 374 -15.07 15.00 -8.17
CA GLU B 374 -15.18 15.03 -6.70
C GLU B 374 -15.14 13.65 -6.06
N ASP B 375 -15.10 12.57 -6.84
CA ASP B 375 -15.09 11.20 -6.34
C ASP B 375 -13.68 10.70 -6.01
N GLU B 376 -12.74 11.62 -5.75
CA GLU B 376 -11.35 11.24 -5.52
C GLU B 376 -11.20 10.14 -4.50
N GLU B 377 -11.98 10.18 -3.41
CA GLU B 377 -11.75 9.24 -2.33
C GLU B 377 -12.15 7.82 -2.74
N ILE B 378 -13.33 7.67 -3.35
CA ILE B 378 -13.75 6.32 -3.72
C ILE B 378 -13.03 5.85 -4.99
N TYR B 379 -12.57 6.78 -5.84
CA TYR B 379 -11.70 6.35 -6.92
C TYR B 379 -10.43 5.69 -6.37
N LYS B 380 -9.84 6.29 -5.33
N LYS B 380 -9.85 6.29 -5.33
CA LYS B 380 -8.63 5.69 -4.77
CA LYS B 380 -8.64 5.74 -4.72
C LYS B 380 -8.90 4.31 -4.19
C LYS B 380 -8.89 4.33 -4.18
N GLU B 381 -10.04 4.12 -3.53
CA GLU B 381 -10.35 2.81 -2.96
C GLU B 381 -10.59 1.78 -4.04
N PHE B 382 -11.30 2.15 -5.11
CA PHE B 382 -11.50 1.22 -6.22
C PHE B 382 -10.17 0.94 -6.93
N PHE B 383 -9.33 1.96 -7.08
CA PHE B 383 -8.03 1.75 -7.71
C PHE B 383 -7.20 0.76 -6.90
N GLU B 384 -7.15 0.93 -5.58
CA GLU B 384 -6.36 0.04 -4.73
C GLU B 384 -6.87 -1.40 -4.79
N VAL B 385 -8.18 -1.60 -4.84
CA VAL B 385 -8.73 -2.96 -4.92
C VAL B 385 -8.38 -3.59 -6.25
N ALA B 386 -8.62 -2.87 -7.34
CA ALA B 386 -8.40 -3.44 -8.67
C ALA B 386 -6.92 -3.67 -8.96
N ASN B 387 -6.05 -2.76 -8.54
CA ASN B 387 -4.67 -2.76 -8.98
C ASN B 387 -3.67 -3.12 -7.91
N ASP B 388 -4.13 -3.59 -6.75
CA ASP B 388 -3.21 -4.04 -5.71
C ASP B 388 -3.81 -5.18 -4.90
N VAL B 389 -4.97 -4.96 -4.28
CA VAL B 389 -5.50 -5.95 -3.35
C VAL B 389 -5.92 -7.22 -4.08
N ILE B 390 -6.76 -7.10 -5.12
CA ILE B 390 -7.15 -8.29 -5.89
C ILE B 390 -5.96 -8.96 -6.56
N PRO B 391 -5.04 -8.24 -7.21
CA PRO B 391 -3.84 -8.92 -7.72
C PRO B 391 -3.12 -9.75 -6.68
N ASN B 392 -2.87 -9.19 -5.49
CA ASN B 392 -2.17 -9.94 -4.45
C ASN B 392 -2.98 -11.16 -4.02
N LEU B 393 -4.29 -11.00 -3.84
CA LEU B 393 -5.17 -12.10 -3.46
C LEU B 393 -5.11 -13.24 -4.47
N LEU B 394 -5.21 -12.91 -5.77
CA LEU B 394 -5.20 -13.96 -6.79
C LEU B 394 -3.81 -14.54 -6.96
N LYS B 395 -2.77 -13.71 -6.86
CA LYS B 395 -1.40 -14.20 -7.00
C LYS B 395 -1.10 -15.28 -5.97
N GLU B 396 -1.51 -15.03 -4.72
CA GLU B 396 -1.28 -16.01 -3.66
C GLU B 396 -2.17 -17.24 -3.87
N ALA B 397 -3.43 -17.02 -4.24
CA ALA B 397 -4.31 -18.14 -4.53
C ALA B 397 -3.74 -19.02 -5.63
N ALA B 398 -3.07 -18.41 -6.60
CA ALA B 398 -2.46 -19.15 -7.71
C ALA B 398 -1.28 -19.99 -7.23
N SER B 399 -0.42 -19.41 -6.39
N SER B 399 -0.42 -19.41 -6.39
CA SER B 399 0.69 -20.18 -5.83
CA SER B 399 0.69 -20.18 -5.84
C SER B 399 0.17 -21.34 -4.99
C SER B 399 0.17 -21.34 -4.99
N LEU B 400 -0.86 -21.09 -4.18
CA LEU B 400 -1.40 -22.15 -3.33
C LEU B 400 -2.03 -23.27 -4.15
N LEU B 401 -2.73 -22.91 -5.22
CA LEU B 401 -3.37 -23.91 -6.06
C LEU B 401 -2.33 -24.83 -6.71
N GLU B 402 -1.37 -24.25 -7.42
CA GLU B 402 -0.37 -25.08 -8.11
C GLU B 402 0.52 -25.82 -7.12
N ALA B 403 1.03 -25.12 -6.10
CA ALA B 403 1.86 -25.83 -5.12
C ALA B 403 1.09 -26.95 -4.45
N GLY B 404 -0.22 -26.78 -4.30
CA GLY B 404 -1.03 -27.88 -3.78
C GLY B 404 -1.15 -29.02 -4.76
N GLU B 405 -1.33 -28.71 -6.04
CA GLU B 405 -1.31 -29.73 -7.09
C GLU B 405 -0.02 -30.54 -7.07
N GLU B 406 1.06 -29.97 -6.53
CA GLU B 406 2.36 -30.63 -6.47
C GLU B 406 2.71 -30.99 -5.02
N GLY B 419 -11.36 -26.39 -3.27
CA GLY B 419 -12.30 -25.32 -3.54
C GLY B 419 -11.67 -23.96 -3.83
N SER B 420 -10.58 -23.97 -4.59
CA SER B 420 -9.87 -22.72 -4.89
C SER B 420 -10.74 -21.78 -5.71
N ALA B 421 -10.69 -20.50 -5.36
CA ALA B 421 -11.43 -19.47 -6.10
C ALA B 421 -11.07 -19.50 -7.58
N LEU B 422 -9.83 -19.85 -7.92
CA LEU B 422 -9.38 -19.80 -9.31
C LEU B 422 -10.02 -20.87 -10.18
N GLN B 423 -10.59 -21.91 -9.58
CA GLN B 423 -11.30 -22.91 -10.37
C GLN B 423 -12.80 -22.74 -10.30
N ASP B 424 -13.26 -21.59 -9.80
CA ASP B 424 -14.67 -21.34 -9.59
C ASP B 424 -15.15 -20.30 -10.60
N PRO B 425 -15.94 -20.70 -11.61
CA PRO B 425 -16.41 -19.72 -12.60
C PRO B 425 -17.19 -18.59 -11.98
N GLU B 426 -17.81 -18.80 -10.82
CA GLU B 426 -18.52 -17.71 -10.16
C GLU B 426 -17.56 -16.69 -9.57
N CYS B 427 -16.35 -17.11 -9.18
CA CYS B 427 -15.35 -16.15 -8.75
C CYS B 427 -14.83 -15.35 -9.92
N PHE B 428 -14.66 -15.99 -11.08
CA PHE B 428 -14.34 -15.23 -12.27
C PHE B 428 -15.46 -14.23 -12.58
N ALA B 429 -16.72 -14.63 -12.34
CA ALA B 429 -17.83 -13.71 -12.55
C ALA B 429 -17.77 -12.52 -11.60
N HIS B 430 -17.40 -12.75 -10.34
CA HIS B 430 -17.25 -11.63 -9.40
C HIS B 430 -16.23 -10.62 -9.93
N LEU B 431 -15.10 -11.10 -10.44
CA LEU B 431 -14.08 -10.21 -10.99
C LEU B 431 -14.65 -9.36 -12.13
N LEU B 432 -15.30 -10.02 -13.09
CA LEU B 432 -15.85 -9.31 -14.23
C LEU B 432 -16.96 -8.35 -13.81
N ARG B 433 -17.81 -8.76 -12.87
CA ARG B 433 -18.85 -7.87 -12.37
C ARG B 433 -18.24 -6.63 -11.72
N PHE B 434 -17.14 -6.80 -11.00
CA PHE B 434 -16.42 -5.68 -10.41
C PHE B 434 -15.99 -4.68 -11.48
N TYR B 435 -15.37 -5.17 -12.56
CA TYR B 435 -14.98 -4.27 -13.64
C TYR B 435 -16.20 -3.71 -14.36
N ASP B 436 -17.25 -4.52 -14.50
CA ASP B 436 -18.49 -4.03 -15.13
C ASP B 436 -19.02 -2.79 -14.41
N GLY B 437 -19.05 -2.83 -13.07
CA GLY B 437 -19.60 -1.70 -12.34
C GLY B 437 -18.76 -0.44 -12.48
N ILE B 438 -17.43 -0.59 -12.40
CA ILE B 438 -16.54 0.55 -12.61
C ILE B 438 -16.71 1.12 -14.01
N CYS B 439 -16.86 0.27 -15.02
CA CYS B 439 -17.08 0.77 -16.38
C CYS B 439 -18.39 1.54 -16.49
N LYS B 440 -19.43 1.05 -15.82
CA LYS B 440 -20.73 1.69 -15.91
C LYS B 440 -20.70 3.03 -15.18
N TRP B 441 -20.03 3.06 -14.03
CA TRP B 441 -19.80 4.29 -13.28
C TRP B 441 -19.17 5.39 -14.15
N GLU B 442 -18.18 5.04 -14.97
CA GLU B 442 -17.48 6.00 -15.79
C GLU B 442 -18.33 6.53 -16.94
N GLU B 443 -19.36 5.79 -17.34
CA GLU B 443 -20.17 6.18 -18.49
C GLU B 443 -20.79 7.55 -18.28
N GLY B 444 -20.65 8.42 -19.29
CA GLY B 444 -21.12 9.78 -19.21
C GLY B 444 -20.12 10.76 -18.62
N SER B 445 -18.94 10.29 -18.24
CA SER B 445 -18.15 11.33 -17.59
C SER B 445 -17.11 11.90 -18.55
N PRO B 446 -16.80 13.20 -18.45
CA PRO B 446 -15.82 13.78 -19.38
C PRO B 446 -14.40 13.36 -19.07
N THR B 447 -14.12 12.96 -17.85
CA THR B 447 -12.86 12.48 -17.30
C THR B 447 -12.87 10.95 -17.23
N PRO B 448 -11.78 10.29 -17.59
CA PRO B 448 -11.77 8.83 -17.54
C PRO B 448 -11.53 8.28 -16.14
N VAL B 449 -12.18 7.15 -15.86
CA VAL B 449 -11.80 6.35 -14.71
C VAL B 449 -10.70 5.37 -15.08
N LEU B 450 -10.94 4.61 -16.15
CA LEU B 450 -10.02 3.56 -16.58
C LEU B 450 -8.94 4.16 -17.47
N HIS B 451 -7.69 3.81 -17.18
CA HIS B 451 -6.56 4.21 -18.02
C HIS B 451 -5.64 3.01 -18.16
N VAL B 452 -4.53 3.21 -18.88
CA VAL B 452 -3.71 2.08 -19.30
C VAL B 452 -3.07 1.39 -18.10
N GLY B 453 -2.88 2.11 -17.00
CA GLY B 453 -2.40 1.47 -15.79
C GLY B 453 -3.38 0.50 -15.17
N TRP B 454 -4.68 0.63 -15.47
CA TRP B 454 -5.64 -0.40 -15.07
C TRP B 454 -5.57 -1.62 -15.97
N ALA B 455 -5.23 -1.42 -17.24
CA ALA B 455 -5.29 -2.52 -18.20
C ALA B 455 -4.37 -3.65 -17.80
N THR B 456 -3.14 -3.34 -17.38
CA THR B 456 -2.18 -4.40 -17.11
C THR B 456 -2.65 -5.31 -15.98
N PHE B 457 -3.32 -4.75 -14.98
CA PHE B 457 -3.75 -5.58 -13.86
C PHE B 457 -4.99 -6.39 -14.21
N LEU B 458 -5.91 -5.83 -14.99
CA LEU B 458 -7.02 -6.62 -15.49
C LEU B 458 -6.52 -7.84 -16.26
N VAL B 459 -5.59 -7.62 -17.18
CA VAL B 459 -5.10 -8.72 -18.02
C VAL B 459 -4.45 -9.79 -17.16
N GLN B 460 -3.65 -9.38 -16.18
CA GLN B 460 -3.02 -10.34 -15.27
C GLN B 460 -4.07 -11.08 -14.43
N SER B 461 -5.06 -10.35 -13.91
CA SER B 461 -6.09 -11.01 -13.10
C SER B 461 -6.89 -12.00 -13.94
N LEU B 462 -7.23 -11.65 -15.18
CA LEU B 462 -7.91 -12.59 -16.07
C LEU B 462 -7.13 -13.88 -16.22
N GLY B 463 -5.81 -13.77 -16.38
CA GLY B 463 -4.97 -14.93 -16.64
C GLY B 463 -4.82 -15.87 -15.46
N ARG B 464 -5.24 -15.46 -14.27
CA ARG B 464 -5.24 -16.37 -13.14
C ARG B 464 -6.31 -17.45 -13.25
N PHE B 465 -7.24 -17.31 -14.20
CA PHE B 465 -8.31 -18.28 -14.40
C PHE B 465 -8.11 -18.98 -15.74
N GLU B 466 -8.09 -20.32 -15.71
CA GLU B 466 -7.97 -21.09 -16.94
C GLU B 466 -9.14 -20.79 -17.88
N GLY B 467 -8.86 -20.85 -19.19
CA GLY B 467 -9.92 -20.59 -20.16
C GLY B 467 -11.13 -21.48 -19.98
N GLN B 468 -10.91 -22.75 -19.64
CA GLN B 468 -12.03 -23.65 -19.39
C GLN B 468 -12.90 -23.16 -18.24
N VAL B 469 -12.28 -22.50 -17.26
CA VAL B 469 -13.05 -21.89 -16.19
C VAL B 469 -13.74 -20.63 -16.68
N ARG B 470 -12.99 -19.76 -17.36
CA ARG B 470 -13.56 -18.49 -17.80
C ARG B 470 -14.72 -18.71 -18.76
N GLN B 471 -14.64 -19.77 -19.59
CA GLN B 471 -15.69 -20.03 -20.57
C GLN B 471 -16.98 -20.56 -19.96
N LYS B 472 -16.97 -20.95 -18.68
CA LYS B 472 -18.18 -21.34 -17.97
C LYS B 472 -18.85 -20.16 -17.27
N VAL B 473 -18.38 -18.93 -17.47
CA VAL B 473 -18.94 -17.80 -16.75
C VAL B 473 -20.34 -17.53 -17.28
N ARG B 474 -21.26 -17.22 -16.37
CA ARG B 474 -22.61 -16.87 -16.79
C ARG B 474 -22.85 -15.45 -16.28
N ILE B 475 -22.68 -14.49 -17.18
CA ILE B 475 -22.77 -13.09 -16.76
C ILE B 475 -23.37 -12.28 -17.89
N THR B 476 -24.23 -11.35 -17.52
CA THR B 476 -24.77 -10.33 -18.41
C THR B 476 -24.23 -8.99 -17.96
N PHE B 477 -23.49 -8.31 -18.84
CA PHE B 477 -22.88 -7.05 -18.48
C PHE B 477 -23.87 -5.90 -18.61
N GLN B 478 -23.70 -4.90 -17.76
CA GLN B 478 -24.47 -3.66 -17.88
C GLN B 478 -23.71 -2.55 -18.57
N SER B 479 -22.38 -2.57 -18.52
CA SER B 479 -21.59 -1.50 -19.11
C SER B 479 -21.30 -1.77 -20.58
N GLU B 480 -21.13 -0.69 -21.34
CA GLU B 480 -20.92 -0.80 -22.76
C GLU B 480 -19.53 -1.39 -23.06
N LYS B 481 -18.54 -0.99 -22.25
CA LYS B 481 -17.17 -1.45 -22.47
C LYS B 481 -17.05 -2.96 -22.24
N MET B 482 -17.67 -3.46 -21.16
CA MET B 482 -17.57 -4.88 -20.85
C MET B 482 -18.31 -5.72 -21.88
N LYS B 483 -19.51 -5.28 -22.28
CA LYS B 483 -20.19 -5.93 -23.40
C LYS B 483 -19.33 -5.92 -24.65
N GLY B 484 -18.68 -4.79 -24.92
CA GLY B 484 -17.85 -4.68 -26.11
C GLY B 484 -16.76 -5.73 -26.17
N MET B 485 -16.19 -6.12 -25.02
CA MET B 485 -15.04 -7.01 -25.03
C MET B 485 -15.32 -8.36 -24.40
N LYS B 486 -16.60 -8.73 -24.25
CA LYS B 486 -16.95 -9.96 -23.54
C LYS B 486 -16.24 -11.18 -24.13
N GLU B 487 -16.26 -11.33 -25.45
CA GLU B 487 -15.65 -12.49 -26.07
C GLU B 487 -14.15 -12.54 -25.84
N LEU B 488 -13.49 -11.37 -25.79
CA LEU B 488 -12.06 -11.34 -25.49
C LEU B 488 -11.77 -11.83 -24.08
N LEU B 489 -12.68 -11.57 -23.14
CA LEU B 489 -12.42 -11.89 -21.74
C LEU B 489 -12.48 -13.39 -21.46
N VAL B 490 -13.17 -14.15 -22.30
CA VAL B 490 -13.35 -15.58 -22.08
C VAL B 490 -12.60 -16.42 -23.11
N ALA B 491 -11.91 -15.80 -24.06
CA ALA B 491 -11.14 -16.56 -25.03
C ALA B 491 -9.97 -17.26 -24.36
N THR B 492 -9.61 -18.43 -24.90
CA THR B 492 -8.50 -19.21 -24.35
C THR B 492 -7.22 -18.38 -24.32
N LYS B 493 -6.91 -17.73 -25.43
CA LYS B 493 -5.76 -16.84 -25.49
C LYS B 493 -6.23 -15.42 -25.16
N ILE B 494 -5.61 -14.82 -24.16
CA ILE B 494 -6.01 -13.50 -23.69
C ILE B 494 -5.30 -12.45 -24.54
N ASN B 495 -6.08 -11.64 -25.25
CA ASN B 495 -5.58 -10.64 -26.18
C ASN B 495 -5.37 -9.35 -25.41
N SER B 496 -4.16 -9.18 -24.86
CA SER B 496 -3.87 -8.05 -24.00
C SER B 496 -4.08 -6.71 -24.69
N SER B 497 -3.62 -6.57 -25.93
CA SER B 497 -3.69 -5.26 -26.57
C SER B 497 -5.12 -4.88 -26.92
N ALA B 498 -5.93 -5.86 -27.35
CA ALA B 498 -7.32 -5.57 -27.67
C ALA B 498 -8.12 -5.26 -26.41
N ILE B 499 -7.82 -5.94 -25.31
CA ILE B 499 -8.51 -5.66 -24.05
C ILE B 499 -8.12 -4.28 -23.53
N LYS B 500 -6.82 -3.95 -23.62
CA LYS B 500 -6.34 -2.64 -23.21
C LYS B 500 -6.96 -1.53 -24.05
N LEU B 501 -7.16 -1.77 -25.35
CA LEU B 501 -7.73 -0.74 -26.21
C LEU B 501 -9.18 -0.46 -25.83
N GLN B 502 -9.99 -1.51 -25.65
CA GLN B 502 -11.39 -1.30 -25.33
C GLN B 502 -11.56 -0.77 -23.90
N LEU B 503 -10.73 -1.24 -22.97
CA LEU B 503 -10.87 -0.83 -21.57
C LEU B 503 -10.70 0.67 -21.41
N THR B 504 -9.79 1.26 -22.17
CA THR B 504 -9.42 2.66 -22.00
C THR B 504 -10.03 3.57 -23.06
N ALA B 505 -11.01 3.07 -23.82
CA ALA B 505 -11.63 3.86 -24.87
C ALA B 505 -12.45 5.01 -24.29
N GLN B 506 -12.70 6.02 -25.13
CA GLN B 506 -13.37 7.26 -24.70
C GLN B 506 -14.89 7.15 -24.57
#